data_6GOX
#
_entry.id   6GOX
#
_cell.length_a   163.140
_cell.length_b   106.830
_cell.length_c   75.980
_cell.angle_alpha   90.000
_cell.angle_beta   102.810
_cell.angle_gamma   90.000
#
_symmetry.space_group_name_H-M   'C 1 2 1'
#
_entity_poly.entity_id   1
_entity_poly.type   'polypeptide(L)'
_entity_poly.pdbx_seq_one_letter_code
;RNDRTLRRMRKVVNIINAMEPEMEKLSDEELKGKTAEFRARLEKGEVLENLIPEAFAVVREASKRVFGMRHFDVQLLGGM
VLNERCIAEMRTGEGKTLTATLPAYLNALTGKGVHVVTVNDYLAQRDAENNRPLFEFLGLTVGINLPGMPAPAKREAYAA
DITYGTNNEYGFDYLRDNMAFSPEERVQRKLHYALVDEVDSILIDEARTPLIISGPAEDSSEMYKRVNKIIPHLIRQEKE
DSETFQGEGHFSVDEKSRQVNLTERGLVLIEELLVKEGIMDEGESLYSPANIMLMHHVTAALRAHALFTRDVDYIVKDGE
VIIVDEHTGRTMQGRRWSDGLHQAVEAKEGVQIQNENQTLASITFQNYFRLYEKLAGMTGTADTEAFEFSSIYKLDTVVV
PTNRPMIRKDLPDLVYMTEAEKIQAIIEDIKERTAKGQPVLVGTISIEKSELVSNELTKAGIKHNVLNAKFHANEAAIVA
QAGYPAAVTIATNMAGRGTDIVLGGSWQAEVAALENPTAEQIEKIKADWQVRHDAVLEAGGLHIIGTERHESRRIDNQLR
GRSGRQGDAGSSRFYLSMEDALMRIFASDRVSGMMRKLGMKPGEAIEHPWVTKAIANAQRKVESRNFDIRKQLLEYDDVA
NDQRRAIYSQRNELLDVSDVSETINSIREDVFKATIDAYIPPQSLEEMWDIPGLQERLKNDFDLDLPIAEWLDKEPELHE
ETLRERILAQSIEVYQRKEEVVGAEMMRHFEKGVMLQTLDSLWKEHLAAMDYLRQGIHLRGYAQKDPKQEYKRESFSMFA
AMLESLKYEVISTLSKVQVRMP
;
_entity_poly.pdbx_strand_id   A
#
# COMPACT_ATOMS: atom_id res chain seq x y z
N ARG A 1 1.10 -25.00 -11.60
CA ARG A 1 1.28 -23.63 -12.19
C ARG A 1 1.37 -23.78 -13.73
N ASN A 2 2.26 -23.04 -14.40
CA ASN A 2 2.76 -23.46 -15.73
C ASN A 2 1.69 -23.41 -16.86
N ASP A 3 2.04 -24.05 -17.98
CA ASP A 3 1.05 -24.58 -18.92
C ASP A 3 0.03 -25.58 -18.30
N ARG A 4 0.25 -25.98 -17.05
CA ARG A 4 -0.62 -26.90 -16.35
C ARG A 4 -1.95 -26.18 -16.08
N THR A 5 -1.87 -24.92 -15.61
CA THR A 5 -3.07 -24.07 -15.50
C THR A 5 -3.40 -23.30 -16.79
N LEU A 6 -2.39 -23.07 -17.62
CA LEU A 6 -2.66 -22.45 -18.93
C LEU A 6 -3.47 -23.33 -19.86
N ARG A 7 -3.21 -24.63 -19.91
CA ARG A 7 -3.99 -25.49 -20.83
C ARG A 7 -5.41 -25.69 -20.31
N ARG A 8 -5.55 -25.75 -18.98
CA ARG A 8 -6.87 -25.73 -18.32
C ARG A 8 -7.71 -24.54 -18.79
N MET A 9 -7.08 -23.37 -18.74
CA MET A 9 -7.75 -22.17 -19.19
C MET A 9 -7.95 -22.13 -20.72
N ARG A 10 -6.99 -22.64 -21.49
CA ARG A 10 -7.19 -22.75 -22.95
C ARG A 10 -8.42 -23.62 -23.26
N LYS A 11 -8.55 -24.72 -22.50
CA LYS A 11 -9.76 -25.57 -22.59
C LYS A 11 -11.06 -24.74 -22.44
N VAL A 12 -11.07 -23.88 -21.42
CA VAL A 12 -12.24 -23.02 -21.16
C VAL A 12 -12.44 -22.03 -22.29
N VAL A 13 -11.33 -21.44 -22.74
CA VAL A 13 -11.36 -20.53 -23.90
C VAL A 13 -12.03 -21.21 -25.08
N ASN A 14 -11.65 -22.47 -25.33
CA ASN A 14 -12.34 -23.23 -26.40
C ASN A 14 -13.85 -23.33 -26.20
N ILE A 15 -14.26 -23.47 -24.94
CA ILE A 15 -15.69 -23.54 -24.64
C ILE A 15 -16.33 -22.18 -24.92
N ILE A 16 -15.65 -21.09 -24.54
CA ILE A 16 -16.19 -19.75 -24.78
C ILE A 16 -16.31 -19.46 -26.27
N ASN A 17 -15.23 -19.73 -27.01
CA ASN A 17 -15.26 -19.54 -28.47
C ASN A 17 -16.39 -20.36 -29.07
N ALA A 18 -16.42 -21.64 -28.68
CA ALA A 18 -17.53 -22.51 -29.09
C ALA A 18 -18.91 -21.97 -28.72
N MET A 19 -18.99 -21.13 -27.68
CA MET A 19 -20.26 -20.51 -27.31
C MET A 19 -20.69 -19.34 -28.20
N GLU A 20 -19.80 -18.82 -29.06
CA GLU A 20 -20.08 -17.52 -29.74
C GLU A 20 -21.42 -17.42 -30.50
N PRO A 21 -21.69 -18.40 -31.38
CA PRO A 21 -22.91 -18.26 -32.17
C PRO A 21 -24.17 -18.16 -31.30
N GLU A 22 -24.24 -19.03 -30.28
CA GLU A 22 -25.26 -18.94 -29.24
C GLU A 22 -25.45 -17.49 -28.79
N MET A 23 -24.34 -16.82 -28.44
CA MET A 23 -24.44 -15.46 -27.91
C MET A 23 -24.82 -14.45 -28.99
N GLU A 24 -24.34 -14.68 -30.22
CA GLU A 24 -24.72 -13.84 -31.38
C GLU A 24 -26.21 -13.87 -31.68
N LYS A 25 -26.86 -14.99 -31.38
CA LYS A 25 -28.32 -15.12 -31.55
C LYS A 25 -29.16 -14.32 -30.55
N LEU A 26 -28.64 -14.09 -29.35
CA LEU A 26 -29.43 -13.40 -28.30
C LEU A 26 -29.65 -11.90 -28.56
N SER A 27 -30.79 -11.38 -28.11
CA SER A 27 -31.03 -9.94 -28.15
C SER A 27 -30.32 -9.24 -27.01
N ASP A 28 -30.15 -7.94 -27.21
CA ASP A 28 -29.63 -7.00 -26.22
C ASP A 28 -30.24 -7.24 -24.84
N GLU A 29 -31.57 -7.30 -24.82
CA GLU A 29 -32.34 -7.55 -23.62
C GLU A 29 -32.04 -8.94 -23.03
N GLU A 30 -31.83 -9.93 -23.87
CA GLU A 30 -31.50 -11.29 -23.38
C GLU A 30 -30.11 -11.32 -22.77
N LEU A 31 -29.19 -10.61 -23.41
CA LEU A 31 -27.84 -10.43 -22.84
C LEU A 31 -27.92 -9.71 -21.50
N LYS A 32 -28.60 -8.57 -21.45
CA LYS A 32 -28.87 -7.90 -20.17
C LYS A 32 -29.44 -8.88 -19.13
N GLY A 33 -30.46 -9.64 -19.51
CA GLY A 33 -31.07 -10.62 -18.60
C GLY A 33 -30.16 -11.72 -18.05
N LYS A 34 -29.10 -12.04 -18.80
CA LYS A 34 -28.13 -13.03 -18.36
C LYS A 34 -27.55 -12.81 -16.96
N THR A 35 -27.31 -11.54 -16.65
CA THR A 35 -26.74 -11.20 -15.36
C THR A 35 -27.66 -11.68 -14.24
N ALA A 36 -28.95 -11.38 -14.41
CA ALA A 36 -29.97 -11.77 -13.44
C ALA A 36 -30.08 -13.27 -13.34
N GLU A 37 -30.03 -13.93 -14.49
CA GLU A 37 -30.06 -15.40 -14.54
C GLU A 37 -28.89 -16.02 -13.75
N PHE A 38 -27.69 -15.53 -14.05
CA PHE A 38 -26.48 -15.95 -13.31
C PHE A 38 -26.64 -15.68 -11.83
N ARG A 39 -27.12 -14.48 -11.48
CA ARG A 39 -27.31 -14.15 -10.07
C ARG A 39 -28.32 -15.07 -9.36
N ALA A 40 -29.41 -15.38 -10.06
CA ALA A 40 -30.39 -16.34 -9.57
C ALA A 40 -29.75 -17.72 -9.39
N ARG A 41 -28.93 -18.15 -10.35
CA ARG A 41 -28.21 -19.42 -10.19
C ARG A 41 -27.21 -19.42 -9.02
N LEU A 42 -26.49 -18.32 -8.84
CA LEU A 42 -25.58 -18.17 -7.70
C LEU A 42 -26.36 -18.23 -6.40
N GLU A 43 -27.45 -17.46 -6.32
CA GLU A 43 -28.34 -17.48 -5.14
C GLU A 43 -28.77 -18.91 -4.86
N LYS A 44 -29.19 -19.60 -5.93
CA LYS A 44 -29.57 -21.02 -5.77
C LYS A 44 -28.41 -22.00 -5.65
N GLY A 45 -27.19 -21.49 -5.55
CA GLY A 45 -26.04 -22.23 -5.05
C GLY A 45 -25.02 -22.67 -6.09
N GLU A 46 -25.11 -22.12 -7.29
CA GLU A 46 -24.14 -22.40 -8.34
C GLU A 46 -22.77 -21.85 -7.91
N VAL A 47 -21.71 -22.56 -8.28
CA VAL A 47 -20.33 -22.08 -8.06
C VAL A 47 -19.93 -21.11 -9.17
N LEU A 48 -19.45 -19.94 -8.75
CA LEU A 48 -19.18 -18.84 -9.67
C LEU A 48 -18.33 -19.29 -10.83
N GLU A 49 -17.29 -20.07 -10.53
CA GLU A 49 -16.34 -20.53 -11.53
C GLU A 49 -17.03 -21.30 -12.64
N ASN A 50 -18.10 -22.03 -12.32
CA ASN A 50 -18.86 -22.72 -13.39
C ASN A 50 -19.48 -21.77 -14.42
N LEU A 51 -19.77 -20.53 -14.02
CA LEU A 51 -20.33 -19.53 -14.91
C LEU A 51 -19.31 -18.83 -15.81
N ILE A 52 -18.01 -19.06 -15.56
CA ILE A 52 -16.95 -18.38 -16.30
C ILE A 52 -17.15 -18.46 -17.81
N PRO A 53 -17.30 -19.68 -18.38
CA PRO A 53 -17.40 -19.75 -19.84
C PRO A 53 -18.53 -18.91 -20.42
N GLU A 54 -19.73 -19.07 -19.87
CA GLU A 54 -20.90 -18.38 -20.39
C GLU A 54 -20.76 -16.89 -20.16
N ALA A 55 -20.48 -16.52 -18.91
CA ALA A 55 -20.37 -15.10 -18.53
C ALA A 55 -19.39 -14.38 -19.44
N PHE A 56 -18.19 -14.96 -19.60
CA PHE A 56 -17.21 -14.33 -20.47
C PHE A 56 -17.75 -14.20 -21.88
N ALA A 57 -18.45 -15.24 -22.38
CA ALA A 57 -18.96 -15.20 -23.76
C ALA A 57 -19.97 -14.06 -23.90
N VAL A 58 -20.81 -13.93 -22.88
CA VAL A 58 -21.81 -12.87 -22.81
C VAL A 58 -21.09 -11.52 -22.85
N VAL A 59 -20.09 -11.36 -21.99
CA VAL A 59 -19.34 -10.10 -21.94
C VAL A 59 -18.72 -9.80 -23.31
N ARG A 60 -18.09 -10.80 -23.91
CA ARG A 60 -17.48 -10.64 -25.20
C ARG A 60 -18.50 -10.21 -26.25
N GLU A 61 -19.67 -10.85 -26.26
CA GLU A 61 -20.76 -10.45 -27.17
C GLU A 61 -21.22 -9.01 -26.94
N ALA A 62 -21.47 -8.69 -25.67
CA ALA A 62 -21.76 -7.32 -25.27
C ALA A 62 -20.71 -6.35 -25.82
N SER A 63 -19.43 -6.66 -25.66
CA SER A 63 -18.34 -5.82 -26.17
C SER A 63 -18.35 -5.72 -27.68
N LYS A 64 -18.64 -6.86 -28.33
CA LYS A 64 -18.84 -6.88 -29.77
C LYS A 64 -19.90 -5.89 -30.17
N ARG A 65 -21.05 -5.92 -29.50
CA ARG A 65 -22.11 -4.98 -29.90
C ARG A 65 -21.80 -3.51 -29.52
N VAL A 66 -21.43 -3.29 -28.27
CA VAL A 66 -21.24 -1.96 -27.69
C VAL A 66 -19.95 -1.30 -28.19
N PHE A 67 -18.82 -1.97 -27.99
CA PHE A 67 -17.54 -1.41 -28.41
C PHE A 67 -17.11 -1.79 -29.80
N GLY A 68 -17.67 -2.86 -30.37
CA GLY A 68 -17.16 -3.37 -31.65
C GLY A 68 -15.78 -3.99 -31.46
N MET A 69 -15.58 -4.59 -30.29
CA MET A 69 -14.33 -5.23 -29.91
C MET A 69 -14.63 -6.62 -29.38
N ARG A 70 -14.05 -7.62 -30.03
CA ARG A 70 -14.17 -9.00 -29.62
C ARG A 70 -12.88 -9.38 -28.92
N HIS A 71 -13.00 -9.66 -27.62
CA HIS A 71 -11.87 -10.03 -26.79
C HIS A 71 -11.16 -11.19 -27.50
N PHE A 72 -9.84 -11.11 -27.57
CA PHE A 72 -9.07 -12.23 -28.06
C PHE A 72 -9.08 -13.37 -27.04
N ASP A 73 -8.71 -14.56 -27.51
CA ASP A 73 -8.60 -15.72 -26.64
C ASP A 73 -7.73 -15.42 -25.41
N VAL A 74 -6.61 -14.78 -25.68
CA VAL A 74 -5.63 -14.46 -24.63
C VAL A 74 -6.17 -13.46 -23.59
N GLN A 75 -7.05 -12.57 -24.01
CA GLN A 75 -7.77 -11.71 -23.09
C GLN A 75 -8.68 -12.51 -22.17
N LEU A 76 -9.35 -13.51 -22.75
CA LEU A 76 -10.12 -14.43 -21.96
C LEU A 76 -9.18 -15.15 -20.97
N LEU A 77 -8.02 -15.61 -21.46
CA LEU A 77 -7.07 -16.28 -20.53
C LEU A 77 -6.67 -15.37 -19.39
N GLY A 78 -6.36 -14.14 -19.73
CA GLY A 78 -6.02 -13.15 -18.73
C GLY A 78 -7.14 -12.95 -17.74
N GLY A 79 -8.36 -12.77 -18.23
CA GLY A 79 -9.53 -12.63 -17.36
C GLY A 79 -9.70 -13.81 -16.44
N MET A 80 -9.52 -15.01 -16.98
CA MET A 80 -9.57 -16.20 -16.15
C MET A 80 -8.47 -16.17 -15.11
N VAL A 81 -7.26 -15.74 -15.49
CA VAL A 81 -6.17 -15.62 -14.51
C VAL A 81 -6.54 -14.66 -13.42
N LEU A 82 -7.11 -13.54 -13.81
CA LEU A 82 -7.46 -12.49 -12.88
C LEU A 82 -8.64 -12.85 -11.98
N ASN A 83 -9.43 -13.87 -12.35
CA ASN A 83 -10.41 -14.44 -11.41
C ASN A 83 -9.77 -15.15 -10.21
N GLU A 84 -8.58 -15.71 -10.42
CA GLU A 84 -7.85 -16.40 -9.37
C GLU A 84 -7.16 -15.33 -8.51
N ARG A 85 -6.55 -15.78 -7.43
CA ARG A 85 -5.61 -14.94 -6.71
C ARG A 85 -4.29 -14.94 -7.48
N CYS A 86 -4.27 -14.24 -8.61
CA CYS A 86 -3.11 -14.28 -9.49
C CYS A 86 -2.77 -12.95 -10.03
N ILE A 87 -1.51 -12.81 -10.38
CA ILE A 87 -1.00 -11.66 -11.12
C ILE A 87 -0.95 -12.06 -12.58
N ALA A 88 -1.53 -11.23 -13.45
CA ALA A 88 -1.50 -11.51 -14.87
C ALA A 88 -0.40 -10.67 -15.54
N GLU A 89 0.67 -11.30 -15.99
CA GLU A 89 1.64 -10.58 -16.82
C GLU A 89 1.10 -10.56 -18.19
N MET A 90 0.84 -9.36 -18.68
CA MET A 90 0.34 -9.18 -20.02
C MET A 90 1.19 -8.15 -20.70
N ARG A 91 1.90 -8.59 -21.73
CA ARG A 91 2.70 -7.71 -22.55
C ARG A 91 1.96 -6.44 -22.93
N THR A 92 2.76 -5.41 -23.12
CA THR A 92 2.30 -4.14 -23.61
C THR A 92 1.63 -4.33 -24.96
N GLY A 93 0.52 -3.61 -25.14
CA GLY A 93 -0.30 -3.75 -26.33
C GLY A 93 -1.28 -4.91 -26.30
N GLU A 94 -1.24 -5.73 -25.26
CA GLU A 94 -2.20 -6.84 -25.15
C GLU A 94 -3.55 -6.42 -24.57
N GLY A 95 -3.71 -5.16 -24.20
CA GLY A 95 -5.04 -4.61 -23.90
C GLY A 95 -5.50 -4.99 -22.52
N LYS A 96 -4.61 -4.78 -21.55
CA LYS A 96 -4.91 -4.96 -20.13
C LYS A 96 -6.23 -4.34 -19.75
N THR A 97 -6.52 -3.17 -20.33
CA THR A 97 -7.77 -2.43 -20.11
C THR A 97 -9.02 -3.24 -20.41
N LEU A 98 -9.05 -3.81 -21.62
CA LEU A 98 -10.24 -4.51 -22.08
C LEU A 98 -10.38 -5.81 -21.31
N THR A 99 -9.29 -6.57 -21.26
CA THR A 99 -9.19 -7.79 -20.46
C THR A 99 -9.79 -7.65 -19.06
N ALA A 100 -9.47 -6.54 -18.40
CA ALA A 100 -9.99 -6.29 -17.05
C ALA A 100 -11.51 -6.25 -16.95
N THR A 101 -12.22 -5.96 -18.05
CA THR A 101 -13.68 -5.99 -18.01
C THR A 101 -14.27 -7.34 -17.61
N LEU A 102 -13.56 -8.42 -17.93
CA LEU A 102 -14.10 -9.76 -17.70
C LEU A 102 -14.25 -10.13 -16.22
N PRO A 103 -13.15 -10.11 -15.44
CA PRO A 103 -13.28 -10.54 -14.03
C PRO A 103 -14.07 -9.57 -13.16
N ALA A 104 -14.18 -8.32 -13.59
CA ALA A 104 -15.04 -7.38 -12.89
C ALA A 104 -16.50 -7.84 -12.99
N TYR A 105 -16.93 -8.15 -14.21
CA TYR A 105 -18.27 -8.70 -14.43
C TYR A 105 -18.45 -9.92 -13.55
N LEU A 106 -17.63 -10.94 -13.81
CA LEU A 106 -17.75 -12.20 -13.09
C LEU A 106 -17.79 -12.01 -11.58
N ASN A 107 -16.89 -11.20 -11.02
CA ASN A 107 -16.89 -11.00 -9.56
C ASN A 107 -17.91 -10.01 -9.04
N ALA A 108 -18.62 -9.34 -9.94
CA ALA A 108 -19.76 -8.51 -9.55
C ALA A 108 -21.02 -9.34 -9.36
N LEU A 109 -21.06 -10.51 -9.99
CA LEU A 109 -22.27 -11.33 -10.01
C LEU A 109 -22.78 -11.66 -8.61
N THR A 110 -21.85 -11.93 -7.70
CA THR A 110 -22.24 -12.29 -6.34
C THR A 110 -22.88 -11.12 -5.61
N GLY A 111 -22.81 -9.93 -6.19
CA GLY A 111 -23.56 -8.77 -5.71
C GLY A 111 -22.88 -8.11 -4.54
N LYS A 112 -21.57 -8.28 -4.43
CA LYS A 112 -20.82 -7.80 -3.28
C LYS A 112 -19.82 -6.71 -3.62
N GLY A 113 -19.74 -6.36 -4.91
CA GLY A 113 -18.96 -5.23 -5.33
C GLY A 113 -17.59 -5.63 -5.78
N VAL A 114 -17.01 -4.75 -6.60
CA VAL A 114 -15.71 -4.94 -7.20
C VAL A 114 -14.96 -3.62 -7.07
N HIS A 115 -13.70 -3.67 -6.65
CA HIS A 115 -12.87 -2.47 -6.59
C HIS A 115 -11.80 -2.58 -7.67
N VAL A 116 -11.92 -1.79 -8.72
CA VAL A 116 -10.86 -1.66 -9.73
C VAL A 116 -9.92 -0.56 -9.27
N VAL A 117 -8.65 -0.93 -9.17
CA VAL A 117 -7.64 -0.11 -8.58
C VAL A 117 -6.75 0.34 -9.72
N THR A 118 -6.79 1.66 -9.95
CA THR A 118 -5.98 2.29 -10.96
C THR A 118 -4.78 2.96 -10.34
N VAL A 119 -3.82 3.30 -11.19
CA VAL A 119 -2.67 4.06 -10.73
C VAL A 119 -3.01 5.54 -10.43
N ASN A 120 -4.00 6.11 -11.10
CA ASN A 120 -4.40 7.48 -10.88
C ASN A 120 -5.89 7.72 -11.11
N ASP A 121 -6.36 8.91 -10.76
CA ASP A 121 -7.78 9.22 -10.88
C ASP A 121 -8.27 9.36 -12.32
N TYR A 122 -7.41 9.88 -13.20
CA TYR A 122 -7.79 10.07 -14.59
C TYR A 122 -8.21 8.74 -15.21
N LEU A 123 -7.40 7.70 -15.01
CA LEU A 123 -7.72 6.37 -15.54
C LEU A 123 -8.96 5.77 -14.89
N ALA A 124 -9.14 6.01 -13.60
CA ALA A 124 -10.34 5.54 -12.95
C ALA A 124 -11.55 6.20 -13.60
N GLN A 125 -11.53 7.53 -13.75
CA GLN A 125 -12.68 8.24 -14.37
C GLN A 125 -12.87 7.78 -15.81
N ARG A 126 -11.77 7.65 -16.53
CA ARG A 126 -11.80 7.28 -17.93
C ARG A 126 -12.38 5.89 -18.10
N ASP A 127 -11.80 4.91 -17.41
CA ASP A 127 -12.26 3.54 -17.50
C ASP A 127 -13.70 3.42 -16.99
N ALA A 128 -14.00 4.10 -15.89
CA ALA A 128 -15.37 4.06 -15.38
C ALA A 128 -16.33 4.59 -16.44
N GLU A 129 -16.03 5.76 -16.98
CA GLU A 129 -16.94 6.40 -17.95
C GLU A 129 -17.04 5.60 -19.23
N ASN A 130 -15.92 5.09 -19.71
CA ASN A 130 -15.89 4.29 -20.94
C ASN A 130 -16.58 2.96 -20.78
N ASN A 131 -16.39 2.29 -19.63
CA ASN A 131 -17.01 0.98 -19.38
C ASN A 131 -18.44 1.01 -18.86
N ARG A 132 -18.87 2.15 -18.31
CA ARG A 132 -20.28 2.34 -17.86
C ARG A 132 -21.37 1.78 -18.84
N PRO A 133 -21.31 2.13 -20.15
CA PRO A 133 -22.28 1.60 -21.11
C PRO A 133 -22.26 0.08 -21.30
N LEU A 134 -21.09 -0.52 -21.15
CA LEU A 134 -20.96 -1.98 -21.28
C LEU A 134 -21.68 -2.69 -20.16
N PHE A 135 -21.42 -2.26 -18.94
CA PHE A 135 -22.02 -2.91 -17.81
C PHE A 135 -23.51 -2.59 -17.68
N GLU A 136 -23.94 -1.39 -18.06
CA GLU A 136 -25.38 -1.13 -18.10
C GLU A 136 -26.06 -1.95 -19.19
N PHE A 137 -25.40 -2.15 -20.34
CA PHE A 137 -25.89 -3.15 -21.32
C PHE A 137 -26.17 -4.51 -20.66
N LEU A 138 -25.32 -4.90 -19.72
CA LEU A 138 -25.50 -6.14 -18.95
C LEU A 138 -26.10 -5.93 -17.54
N GLY A 139 -26.74 -4.77 -17.33
CA GLY A 139 -27.57 -4.52 -16.15
C GLY A 139 -26.83 -4.46 -14.83
N LEU A 140 -25.63 -3.89 -14.85
CA LEU A 140 -24.82 -3.61 -13.67
C LEU A 140 -24.52 -2.14 -13.61
N THR A 141 -24.30 -1.62 -12.40
CA THR A 141 -24.00 -0.21 -12.19
C THR A 141 -22.54 -0.03 -11.88
N VAL A 142 -22.00 1.12 -12.27
CA VAL A 142 -20.59 1.44 -12.15
C VAL A 142 -20.41 2.73 -11.33
N GLY A 143 -19.47 2.69 -10.39
CA GLY A 143 -19.16 3.83 -9.54
C GLY A 143 -17.76 4.33 -9.80
N ILE A 144 -17.54 5.61 -9.49
CA ILE A 144 -16.23 6.23 -9.57
C ILE A 144 -15.91 6.88 -8.22
N ASN A 145 -14.78 6.51 -7.61
CA ASN A 145 -14.36 7.09 -6.31
C ASN A 145 -13.19 8.07 -6.48
N LEU A 146 -13.35 9.28 -5.95
CA LEU A 146 -12.33 10.28 -6.07
C LEU A 146 -12.00 10.87 -4.71
N PRO A 147 -10.72 11.26 -4.50
CA PRO A 147 -10.42 12.12 -3.34
C PRO A 147 -11.25 13.38 -3.35
N GLY A 148 -11.68 13.78 -2.16
CA GLY A 148 -12.53 14.94 -2.00
C GLY A 148 -13.99 14.68 -2.34
N MET A 149 -14.33 13.46 -2.74
CA MET A 149 -15.71 13.15 -3.07
C MET A 149 -16.53 13.13 -1.78
N PRO A 150 -17.70 13.78 -1.78
CA PRO A 150 -18.60 13.71 -0.64
C PRO A 150 -18.93 12.28 -0.26
N ALA A 151 -19.13 12.08 1.04
CA ALA A 151 -19.40 10.76 1.59
C ALA A 151 -20.60 10.05 0.97
N PRO A 152 -21.73 10.77 0.74
CA PRO A 152 -22.86 10.11 0.05
C PRO A 152 -22.54 9.61 -1.36
N ALA A 153 -21.80 10.43 -2.11
CA ALA A 153 -21.34 10.05 -3.43
C ALA A 153 -20.30 8.92 -3.38
N LYS A 154 -19.45 8.91 -2.35
CA LYS A 154 -18.56 7.76 -2.13
C LYS A 154 -19.35 6.50 -1.84
N ARG A 155 -20.35 6.62 -0.96
CA ARG A 155 -21.25 5.51 -0.63
C ARG A 155 -21.93 4.99 -1.88
N GLU A 156 -22.53 5.90 -2.67
CA GLU A 156 -23.05 5.57 -4.00
C GLU A 156 -22.03 4.82 -4.85
N ALA A 157 -20.81 5.37 -4.94
CA ALA A 157 -19.74 4.73 -5.72
C ALA A 157 -19.43 3.29 -5.26
N TYR A 158 -19.31 3.10 -3.94
CA TYR A 158 -19.07 1.76 -3.40
C TYR A 158 -20.28 0.81 -3.49
N ALA A 159 -21.49 1.36 -3.47
CA ALA A 159 -22.71 0.54 -3.60
C ALA A 159 -23.03 0.12 -5.02
N ALA A 160 -22.39 0.75 -6.02
CA ALA A 160 -22.50 0.29 -7.41
C ALA A 160 -21.85 -1.07 -7.59
N ASP A 161 -22.24 -1.80 -8.62
CA ASP A 161 -21.78 -3.19 -8.80
C ASP A 161 -20.28 -3.28 -8.99
N ILE A 162 -19.75 -2.34 -9.75
CA ILE A 162 -18.33 -2.25 -10.02
C ILE A 162 -17.85 -0.84 -9.76
N THR A 163 -16.79 -0.70 -8.99
CA THR A 163 -16.25 0.60 -8.65
C THR A 163 -14.88 0.79 -9.30
N TYR A 164 -14.62 2.00 -9.75
CA TYR A 164 -13.29 2.38 -10.18
C TYR A 164 -12.70 3.43 -9.24
N GLY A 165 -11.41 3.24 -8.91
CA GLY A 165 -10.75 4.22 -8.05
C GLY A 165 -9.28 3.98 -7.95
N THR A 166 -8.59 4.93 -7.32
CA THR A 166 -7.18 4.74 -7.07
C THR A 166 -6.95 4.01 -5.79
N ASN A 167 -5.80 3.34 -5.83
CA ASN A 167 -5.24 2.66 -4.70
C ASN A 167 -5.28 3.50 -3.43
N ASN A 168 -4.80 4.72 -3.50
CA ASN A 168 -4.68 5.54 -2.30
C ASN A 168 -6.01 5.84 -1.62
N GLU A 169 -6.98 6.29 -2.43
CA GLU A 169 -8.27 6.72 -1.90
C GLU A 169 -9.04 5.55 -1.31
N TYR A 170 -8.82 4.35 -1.87
CA TYR A 170 -9.38 3.16 -1.26
C TYR A 170 -8.86 3.03 0.17
N GLY A 171 -7.54 3.10 0.28
CA GLY A 171 -6.87 3.00 1.58
C GLY A 171 -7.31 4.08 2.57
N PHE A 172 -7.38 5.32 2.09
CA PHE A 172 -7.85 6.42 2.95
C PHE A 172 -9.31 6.22 3.35
N ASP A 173 -10.14 5.76 2.41
CA ASP A 173 -11.52 5.39 2.72
C ASP A 173 -11.62 4.30 3.76
N TYR A 174 -10.72 3.33 3.70
CA TYR A 174 -10.70 2.33 4.77
C TYR A 174 -10.41 2.98 6.13
N LEU A 175 -9.35 3.78 6.19
CA LEU A 175 -9.00 4.48 7.42
C LEU A 175 -10.16 5.35 7.96
N ARG A 176 -10.77 6.10 7.06
CA ARG A 176 -11.92 6.90 7.43
C ARG A 176 -13.12 6.07 7.86
N ASP A 177 -13.39 4.96 7.19
CA ASP A 177 -14.42 4.01 7.65
C ASP A 177 -14.09 3.46 9.01
N ASN A 178 -12.81 3.27 9.30
CA ASN A 178 -12.37 2.88 10.64
C ASN A 178 -12.05 4.03 11.59
N MET A 179 -12.44 5.24 11.19
CA MET A 179 -12.63 6.34 12.14
C MET A 179 -14.10 6.76 12.35
N ALA A 180 -15.04 6.06 11.70
CA ALA A 180 -16.47 6.34 11.86
C ALA A 180 -16.95 6.13 13.28
N PHE A 181 -17.97 6.89 13.67
CA PHE A 181 -18.63 6.71 14.96
C PHE A 181 -20.01 6.02 14.86
N SER A 182 -20.45 5.72 13.64
CA SER A 182 -21.64 4.88 13.42
C SER A 182 -21.47 4.10 12.11
N PRO A 183 -22.14 2.94 12.00
CA PRO A 183 -21.90 2.13 10.79
C PRO A 183 -22.44 2.77 9.50
N GLU A 184 -23.40 3.69 9.64
CA GLU A 184 -23.96 4.38 8.47
C GLU A 184 -22.94 5.36 7.90
N GLU A 185 -22.03 5.86 8.74
CA GLU A 185 -20.95 6.72 8.28
C GLU A 185 -19.99 6.01 7.30
N ARG A 186 -19.89 4.68 7.39
CA ARG A 186 -18.99 3.95 6.50
C ARG A 186 -19.35 4.17 5.03
N VAL A 187 -18.33 4.27 4.19
CA VAL A 187 -18.50 4.42 2.76
C VAL A 187 -18.32 3.12 2.00
N GLN A 188 -17.44 2.26 2.49
CA GLN A 188 -17.12 1.03 1.81
C GLN A 188 -18.02 -0.06 2.27
N ARG A 189 -18.10 -1.13 1.48
CA ARG A 189 -18.65 -2.37 1.97
C ARG A 189 -17.52 -3.28 2.40
N LYS A 190 -17.87 -4.50 2.80
CA LYS A 190 -16.88 -5.53 3.04
C LYS A 190 -16.01 -5.68 1.80
N LEU A 191 -14.70 -5.68 2.03
CA LEU A 191 -13.69 -5.60 0.97
C LEU A 191 -13.57 -6.91 0.21
N HIS A 192 -14.11 -6.95 -1.01
CA HIS A 192 -14.41 -8.22 -1.68
C HIS A 192 -13.39 -8.59 -2.74
N TYR A 193 -13.28 -7.75 -3.75
CA TYR A 193 -12.40 -8.02 -4.89
C TYR A 193 -11.58 -6.78 -5.25
N ALA A 194 -10.25 -6.93 -5.20
CA ALA A 194 -9.37 -5.83 -5.57
C ALA A 194 -8.54 -6.25 -6.75
N LEU A 195 -8.69 -5.49 -7.85
CA LEU A 195 -7.91 -5.69 -9.05
C LEU A 195 -6.97 -4.51 -9.24
N VAL A 196 -5.66 -4.75 -9.09
CA VAL A 196 -4.65 -3.69 -9.03
C VAL A 196 -3.82 -3.48 -10.32
N ASP A 197 -3.94 -2.27 -10.93
CA ASP A 197 -3.43 -2.02 -12.32
C ASP A 197 -1.97 -2.24 -12.55
N GLU A 198 -1.12 -1.92 -11.56
CA GLU A 198 0.32 -2.13 -11.70
C GLU A 198 0.89 -2.63 -10.43
N VAL A 199 0.91 -3.95 -10.28
CA VAL A 199 1.32 -4.55 -8.99
C VAL A 199 2.82 -4.49 -8.70
N ASP A 200 3.66 -4.42 -9.73
CA ASP A 200 5.09 -4.18 -9.54
C ASP A 200 5.37 -2.98 -8.62
N SER A 201 4.82 -1.85 -9.03
CA SER A 201 4.96 -0.66 -8.24
C SER A 201 4.06 -0.78 -7.01
N ILE A 202 2.77 -1.12 -7.21
CA ILE A 202 1.78 -0.92 -6.14
C ILE A 202 1.96 -1.91 -4.98
N LEU A 203 2.22 -3.16 -5.29
CA LEU A 203 2.34 -4.17 -4.23
C LEU A 203 3.76 -4.51 -3.86
N ILE A 204 4.71 -4.21 -4.74
CA ILE A 204 6.11 -4.40 -4.41
C ILE A 204 6.79 -3.10 -4.07
N ASP A 205 6.88 -2.17 -5.04
CA ASP A 205 7.68 -0.94 -4.78
C ASP A 205 7.06 -0.02 -3.73
N GLU A 206 5.74 0.11 -3.77
CA GLU A 206 4.97 0.90 -2.82
C GLU A 206 4.43 0.06 -1.65
N ALA A 207 4.93 -1.16 -1.46
CA ALA A 207 4.37 -2.03 -0.44
C ALA A 207 4.31 -1.33 0.89
N ARG A 208 5.41 -0.66 1.26
CA ARG A 208 5.58 -0.11 2.60
C ARG A 208 5.26 1.38 2.73
N THR A 209 4.84 2.03 1.65
CA THR A 209 4.45 3.43 1.68
C THR A 209 3.28 3.60 2.62
N PRO A 210 3.47 4.39 3.70
CA PRO A 210 2.37 4.59 4.65
C PRO A 210 1.35 5.60 4.15
N LEU A 211 0.08 5.22 4.28
CA LEU A 211 -1.04 6.08 4.08
C LEU A 211 -1.38 6.51 5.48
N ILE A 212 -1.48 7.82 5.65
CA ILE A 212 -1.66 8.45 6.95
C ILE A 212 -2.75 9.53 6.91
N ILE A 213 -3.62 9.48 7.92
CA ILE A 213 -4.57 10.53 8.20
C ILE A 213 -4.01 11.18 9.46
N SER A 214 -3.74 12.48 9.39
CA SER A 214 -3.26 13.24 10.53
C SER A 214 -4.30 14.26 10.94
N GLY A 215 -4.09 14.81 12.12
CA GLY A 215 -5.02 15.77 12.64
C GLY A 215 -4.35 16.56 13.70
N PRO A 216 -5.07 17.56 14.25
CA PRO A 216 -4.60 18.17 15.45
C PRO A 216 -4.96 17.10 16.47
N ALA A 217 -4.14 16.95 17.49
CA ALA A 217 -4.32 15.84 18.42
C ALA A 217 -5.57 16.02 19.33
N GLU A 218 -5.38 16.08 20.64
CA GLU A 218 -6.45 16.15 21.63
C GLU A 218 -5.80 15.92 22.98
N ASP A 219 -5.12 14.79 23.09
CA ASP A 219 -4.43 14.37 24.31
C ASP A 219 -3.19 15.21 24.69
N SER A 220 -2.93 16.32 23.99
CA SER A 220 -2.03 17.33 24.53
C SER A 220 -2.70 17.83 25.78
N SER A 221 -2.08 18.76 26.50
CA SER A 221 -2.72 19.32 27.68
C SER A 221 -2.95 18.27 28.78
N GLU A 222 -2.69 16.99 28.50
CA GLU A 222 -2.86 15.96 29.50
C GLU A 222 -1.46 15.56 29.90
N MET A 223 -1.02 14.36 29.52
CA MET A 223 0.32 13.88 29.81
C MET A 223 1.22 15.02 30.29
N TYR A 224 1.25 16.10 29.50
CA TYR A 224 1.98 17.32 29.84
C TYR A 224 1.64 17.88 31.23
N LYS A 225 0.35 18.08 31.50
CA LYS A 225 -0.08 18.58 32.81
C LYS A 225 0.31 17.66 33.97
N ARG A 226 0.07 16.36 33.82
CA ARG A 226 0.43 15.39 34.88
C ARG A 226 1.94 15.28 35.10
N VAL A 227 2.70 15.16 34.01
CA VAL A 227 4.15 15.22 34.11
C VAL A 227 4.58 16.54 34.77
N ASN A 228 3.94 17.65 34.41
CA ASN A 228 4.19 18.94 35.06
C ASN A 228 3.87 18.94 36.58
N LYS A 229 2.77 18.32 36.98
CA LYS A 229 2.42 18.19 38.41
C LYS A 229 3.39 17.38 39.29
N ILE A 230 4.36 16.71 38.67
CA ILE A 230 5.29 15.85 39.40
C ILE A 230 6.65 16.49 39.62
N ILE A 231 7.06 17.37 38.72
CA ILE A 231 8.42 17.91 38.74
C ILE A 231 8.65 18.89 39.89
N PRO A 232 7.65 19.73 40.23
CA PRO A 232 7.95 20.70 41.29
C PRO A 232 8.14 20.07 42.67
N HIS A 233 7.68 18.82 42.86
CA HIS A 233 8.05 18.03 44.04
C HIS A 233 9.57 17.85 44.14
N LEU A 234 10.25 17.72 43.00
CA LEU A 234 11.67 17.34 43.00
C LEU A 234 12.58 18.50 43.43
N ILE A 235 13.77 18.14 43.90
CA ILE A 235 14.75 19.07 44.49
C ILE A 235 16.03 18.95 43.65
N ARG A 236 17.00 19.84 43.85
CA ARG A 236 18.33 19.75 43.21
C ARG A 236 18.96 18.37 43.30
N GLU A 264 20.46 7.94 41.75
CA GLU A 264 19.28 7.25 41.29
C GLU A 264 18.09 7.97 41.82
N ARG A 265 18.04 8.13 43.13
CA ARG A 265 16.92 8.80 43.77
C ARG A 265 16.70 10.11 43.05
N GLY A 266 15.51 10.67 43.21
CA GLY A 266 14.93 11.51 42.19
C GLY A 266 14.36 10.62 41.10
N LEU A 267 15.07 9.59 40.65
CA LEU A 267 14.46 8.72 39.64
C LEU A 267 13.57 7.67 40.28
N VAL A 268 14.00 7.14 41.43
CA VAL A 268 13.17 6.24 42.21
C VAL A 268 11.92 7.01 42.63
N LEU A 269 12.14 8.21 43.16
CA LEU A 269 11.06 9.09 43.55
C LEU A 269 10.13 9.47 42.41
N ILE A 270 10.67 9.76 41.21
CA ILE A 270 9.82 10.05 40.03
C ILE A 270 8.87 8.92 39.64
N GLU A 271 9.43 7.74 39.36
CA GLU A 271 8.64 6.54 39.00
C GLU A 271 7.55 6.20 40.04
N GLU A 272 7.89 6.37 41.32
CA GLU A 272 6.94 6.15 42.41
C GLU A 272 5.83 7.18 42.34
N LEU A 273 6.16 8.37 41.87
CA LEU A 273 5.24 9.49 41.90
C LEU A 273 4.30 9.46 40.71
N LEU A 274 4.18 8.29 40.07
CA LEU A 274 3.20 8.08 39.03
C LEU A 274 2.13 7.14 39.56
N VAL A 275 1.38 7.66 40.55
CA VAL A 275 -0.01 7.26 40.78
C VAL A 275 -0.78 8.00 39.69
N LYS A 276 -0.27 7.82 38.46
CA LYS A 276 -0.66 8.53 37.24
C LYS A 276 -0.34 7.58 36.05
N GLU A 277 0.70 7.86 35.24
CA GLU A 277 1.07 6.95 34.13
C GLU A 277 1.93 5.74 34.57
N GLY A 278 3.19 5.64 34.11
CA GLY A 278 4.08 4.50 34.41
C GLY A 278 5.57 4.83 34.28
N GLY A 283 4.59 -0.88 37.99
CA GLY A 283 5.84 -1.48 38.45
C GLY A 283 7.08 -0.76 37.98
N GLU A 284 7.21 -0.65 36.66
CA GLU A 284 8.47 -0.49 36.01
C GLU A 284 8.03 -0.14 34.62
N SER A 285 8.70 0.74 33.89
CA SER A 285 9.94 1.42 34.27
C SER A 285 10.40 2.40 33.16
N LEU A 286 9.99 3.67 33.27
CA LEU A 286 10.47 4.71 32.36
C LEU A 286 11.94 4.63 32.26
N TYR A 287 12.42 4.50 31.06
CA TYR A 287 13.78 4.14 30.87
C TYR A 287 13.78 3.08 29.89
N SER A 288 12.73 2.27 29.87
CA SER A 288 12.54 1.57 28.61
C SER A 288 11.50 0.45 28.60
N PRO A 289 11.41 -0.29 27.45
CA PRO A 289 11.87 0.28 26.18
C PRO A 289 10.90 1.33 25.76
N ALA A 290 9.63 1.06 26.08
CA ALA A 290 8.51 1.88 25.70
C ALA A 290 8.65 3.24 26.34
N ASN A 291 8.43 3.30 27.65
CA ASN A 291 8.34 4.56 28.35
C ASN A 291 9.51 5.46 27.96
N ILE A 292 9.42 5.93 26.73
CA ILE A 292 10.29 6.94 26.22
C ILE A 292 9.38 8.11 26.29
N MET A 293 8.41 8.22 25.40
CA MET A 293 7.41 9.23 25.62
C MET A 293 7.75 9.95 26.92
N LEU A 294 7.66 9.24 28.03
CA LEU A 294 7.84 9.82 29.35
C LEU A 294 9.19 10.51 29.47
N MET A 295 10.23 9.88 28.93
CA MET A 295 11.58 10.44 28.92
C MET A 295 11.68 11.74 28.17
N HIS A 296 11.32 11.76 26.88
CA HIS A 296 11.25 13.06 26.17
C HIS A 296 10.18 14.00 26.75
N HIS A 297 9.22 13.43 27.47
CA HIS A 297 8.32 14.22 28.31
C HIS A 297 8.98 14.73 29.59
N VAL A 298 10.00 14.06 30.11
CA VAL A 298 10.56 14.50 31.41
C VAL A 298 11.85 15.14 31.22
N THR A 299 12.72 14.45 30.72
CA THR A 299 13.78 15.31 30.65
C THR A 299 13.34 16.82 30.31
N ALA A 300 12.13 17.03 29.77
CA ALA A 300 11.60 18.36 29.46
C ALA A 300 10.94 19.16 30.62
N ALA A 301 10.37 18.49 31.61
CA ALA A 301 9.81 19.09 32.85
C ALA A 301 10.77 19.76 33.70
N LEU A 302 11.53 18.83 34.00
CA LEU A 302 12.71 19.00 34.43
C LEU A 302 13.51 19.96 33.60
N ARG A 303 13.70 19.69 32.32
CA ARG A 303 14.49 20.63 31.57
C ARG A 303 13.80 21.97 31.46
N ALA A 304 12.56 22.16 31.72
CA ALA A 304 12.32 23.55 31.64
C ALA A 304 12.05 24.05 33.02
N HIS A 305 12.96 23.80 33.96
CA HIS A 305 12.76 24.32 35.32
C HIS A 305 14.01 25.01 35.83
N ALA A 306 15.15 24.35 35.77
CA ALA A 306 16.41 25.04 35.99
C ALA A 306 17.05 25.49 34.68
N LEU A 307 16.66 24.88 33.56
CA LEU A 307 17.33 25.10 32.27
C LEU A 307 16.82 26.40 31.60
N PHE A 308 15.51 26.69 31.68
CA PHE A 308 14.91 27.93 31.17
C PHE A 308 14.41 28.69 32.41
N THR A 309 15.09 29.75 32.80
CA THR A 309 14.65 30.55 33.96
C THR A 309 13.36 31.33 33.73
N ARG A 310 12.41 31.23 34.64
CA ARG A 310 11.16 31.98 34.47
C ARG A 310 11.39 33.31 33.68
N ASP A 311 10.68 34.38 34.03
CA ASP A 311 10.66 35.63 33.26
C ASP A 311 12.05 36.14 32.80
N VAL A 312 12.93 35.24 32.42
CA VAL A 312 14.31 35.61 32.13
C VAL A 312 14.71 35.21 30.72
N ASP A 313 14.37 33.99 30.31
CA ASP A 313 14.87 33.37 29.09
C ASP A 313 13.80 33.48 28.02
N TYR A 314 12.57 33.70 28.51
CA TYR A 314 11.35 33.87 27.74
C TYR A 314 10.43 34.77 28.57
N ILE A 315 9.32 35.17 27.97
CA ILE A 315 8.28 35.92 28.70
C ILE A 315 6.93 35.29 28.43
N VAL A 316 6.00 35.51 29.35
CA VAL A 316 4.60 35.12 29.17
C VAL A 316 3.78 36.37 28.85
N LYS A 317 3.19 36.39 27.66
CA LYS A 317 2.35 37.53 27.22
C LYS A 317 1.21 36.99 26.41
N ASP A 318 -0.01 37.44 26.69
CA ASP A 318 -1.18 37.04 25.91
C ASP A 318 -1.29 35.53 25.83
N GLY A 319 -1.21 34.89 26.99
CA GLY A 319 -1.38 33.43 27.09
C GLY A 319 -0.36 32.64 26.31
N GLU A 320 0.86 33.17 26.16
CA GLU A 320 1.90 32.45 25.42
C GLU A 320 3.30 32.65 25.98
N VAL A 321 4.11 31.63 25.72
CA VAL A 321 5.53 31.66 26.02
C VAL A 321 6.22 32.21 24.78
N ILE A 322 6.99 33.30 24.94
CA ILE A 322 7.74 33.86 23.80
C ILE A 322 9.23 33.94 24.10
N TRP A 337 10.27 27.05 20.35
CA TRP A 337 11.38 26.37 21.05
C TRP A 337 11.59 24.95 20.52
N SER A 338 12.27 24.08 21.27
CA SER A 338 12.56 22.72 20.76
C SER A 338 12.07 21.52 21.60
N ASP A 339 11.90 20.40 20.90
CA ASP A 339 11.64 19.08 21.48
C ASP A 339 10.82 19.09 22.75
N GLY A 340 9.51 18.93 22.60
CA GLY A 340 8.58 18.94 23.73
C GLY A 340 8.80 20.05 24.75
N LEU A 341 9.84 20.86 24.57
CA LEU A 341 10.29 21.76 25.62
C LEU A 341 9.39 23.00 25.70
N HIS A 342 8.95 23.45 24.54
CA HIS A 342 8.02 24.57 24.40
C HIS A 342 6.69 24.24 25.11
N GLN A 343 6.20 23.01 24.91
CA GLN A 343 4.92 22.60 25.50
C GLN A 343 5.01 22.45 27.02
N ALA A 344 6.17 22.04 27.51
CA ALA A 344 6.40 21.89 28.94
C ALA A 344 6.31 23.23 29.66
N VAL A 345 7.02 24.23 29.13
CA VAL A 345 7.03 25.58 29.69
C VAL A 345 5.59 26.07 29.88
N GLU A 346 4.74 25.78 28.90
CA GLU A 346 3.33 26.15 28.90
C GLU A 346 2.55 25.38 29.99
N ALA A 347 2.92 24.12 30.20
CA ALA A 347 2.35 23.34 31.30
C ALA A 347 2.75 23.95 32.64
N LYS A 348 4.02 24.33 32.76
CA LYS A 348 4.58 24.90 33.98
C LYS A 348 3.95 26.24 34.30
N GLU A 349 3.90 27.12 33.31
CA GLU A 349 3.31 28.45 33.47
C GLU A 349 1.76 28.43 33.35
N GLY A 350 1.15 27.24 33.25
CA GLY A 350 -0.33 27.11 33.32
C GLY A 350 -1.08 27.58 32.08
N VAL A 351 -0.38 27.61 30.96
CA VAL A 351 -0.86 28.14 29.70
C VAL A 351 -1.63 27.06 28.95
N GLN A 352 -2.43 27.48 27.96
CA GLN A 352 -2.97 26.57 26.94
C GLN A 352 -1.81 25.95 26.21
N ILE A 353 -1.73 24.62 26.21
CA ILE A 353 -0.68 23.91 25.49
C ILE A 353 -1.17 23.75 24.05
N GLN A 354 -0.22 23.93 23.16
CA GLN A 354 -0.40 24.20 21.74
C GLN A 354 -0.43 22.89 21.00
N ASN A 355 -1.56 22.17 21.10
CA ASN A 355 -1.64 20.77 20.64
C ASN A 355 -1.64 20.63 19.13
N GLU A 356 -0.95 19.60 18.67
CA GLU A 356 -0.41 19.69 17.33
C GLU A 356 -0.26 18.37 16.68
N ASN A 357 -0.27 18.45 15.36
CA ASN A 357 -0.46 17.33 14.52
C ASN A 357 0.20 16.07 14.94
N GLN A 358 -0.61 15.03 14.84
CA GLN A 358 -0.17 13.65 15.02
C GLN A 358 -0.94 12.71 14.10
N THR A 359 -0.44 11.49 13.99
CA THR A 359 -1.04 10.46 13.17
C THR A 359 -2.26 9.92 13.87
N LEU A 360 -3.37 9.98 13.16
CA LEU A 360 -4.66 9.46 13.59
C LEU A 360 -4.96 8.10 12.97
N ALA A 361 -4.38 7.82 11.81
CA ALA A 361 -4.64 6.56 11.12
C ALA A 361 -3.56 6.25 10.08
N SER A 362 -3.11 5.00 10.03
CA SER A 362 -1.99 4.63 9.19
C SER A 362 -2.18 3.25 8.65
N ILE A 363 -1.78 3.05 7.39
CA ILE A 363 -1.78 1.67 6.83
C ILE A 363 -0.85 1.65 5.63
N THR A 364 -0.17 0.54 5.37
CA THR A 364 0.60 0.40 4.14
C THR A 364 -0.33 -0.15 3.06
N PHE A 365 0.02 0.02 1.78
CA PHE A 365 -0.75 -0.60 0.66
C PHE A 365 -0.90 -2.09 0.88
N GLN A 366 0.23 -2.72 1.18
CA GLN A 366 0.30 -4.15 1.41
C GLN A 366 -0.74 -4.61 2.42
N ASN A 367 -0.70 -4.00 3.60
CA ASN A 367 -1.58 -4.39 4.71
C ASN A 367 -3.04 -4.10 4.44
N TYR A 368 -3.32 -3.09 3.63
CA TYR A 368 -4.68 -2.82 3.18
C TYR A 368 -5.15 -3.86 2.18
N PHE A 369 -4.35 -4.09 1.14
CA PHE A 369 -4.79 -5.04 0.11
C PHE A 369 -4.83 -6.47 0.59
N ARG A 370 -3.97 -6.85 1.55
CA ARG A 370 -4.11 -8.19 2.17
C ARG A 370 -5.45 -8.43 2.87
N LEU A 371 -6.25 -7.38 3.09
CA LEU A 371 -7.58 -7.51 3.71
C LEU A 371 -8.68 -7.98 2.78
N TYR A 372 -8.50 -7.86 1.46
CA TYR A 372 -9.55 -8.25 0.52
C TYR A 372 -9.70 -9.74 0.53
N GLU A 373 -10.94 -10.17 0.28
CA GLU A 373 -11.23 -11.59 0.19
C GLU A 373 -10.56 -12.16 -1.03
N LYS A 374 -10.69 -11.45 -2.15
CA LYS A 374 -10.04 -11.80 -3.42
C LYS A 374 -9.19 -10.64 -3.92
N LEU A 375 -8.06 -10.99 -4.51
CA LEU A 375 -7.07 -10.01 -4.87
C LEU A 375 -6.42 -10.46 -6.17
N ALA A 376 -6.21 -9.51 -7.07
CA ALA A 376 -5.57 -9.83 -8.35
C ALA A 376 -4.99 -8.56 -8.90
N GLY A 377 -4.11 -8.71 -9.89
CA GLY A 377 -3.41 -7.56 -10.41
C GLY A 377 -2.69 -7.77 -11.71
N MET A 378 -2.30 -6.63 -12.27
CA MET A 378 -1.69 -6.66 -13.59
C MET A 378 -0.33 -5.96 -13.54
N THR A 379 0.53 -6.36 -14.47
CA THR A 379 1.81 -5.69 -14.67
C THR A 379 2.42 -5.93 -16.06
N GLY A 380 3.44 -5.14 -16.36
CA GLY A 380 4.29 -5.34 -17.52
C GLY A 380 5.29 -6.46 -17.27
N THR A 381 5.75 -7.03 -18.39
CA THR A 381 6.48 -8.32 -18.45
C THR A 381 7.79 -8.36 -17.64
N ALA A 382 8.12 -7.24 -17.01
CA ALA A 382 8.92 -7.21 -15.79
C ALA A 382 8.73 -8.48 -14.92
N ASP A 383 7.76 -8.44 -13.99
CA ASP A 383 7.61 -9.43 -12.90
C ASP A 383 8.95 -9.86 -12.28
N THR A 384 9.55 -10.93 -12.84
CA THR A 384 10.60 -11.72 -12.19
C THR A 384 10.41 -12.17 -10.69
N GLU A 385 9.31 -11.84 -10.03
CA GLU A 385 9.20 -12.03 -8.56
C GLU A 385 8.00 -12.88 -8.12
N ALA A 386 7.69 -13.95 -8.86
CA ALA A 386 6.49 -14.77 -8.58
C ALA A 386 6.46 -15.38 -7.17
N PHE A 387 7.55 -16.07 -6.83
CA PHE A 387 7.81 -16.58 -5.46
C PHE A 387 7.68 -15.50 -4.38
N GLU A 388 8.08 -14.26 -4.65
CA GLU A 388 7.92 -13.17 -3.67
C GLU A 388 6.45 -12.84 -3.46
N PHE A 389 5.73 -12.68 -4.57
CA PHE A 389 4.30 -12.47 -4.49
C PHE A 389 3.59 -13.62 -3.79
N SER A 390 3.98 -14.86 -4.09
CA SER A 390 3.37 -16.01 -3.41
C SER A 390 3.73 -16.04 -1.91
N SER A 391 4.99 -15.81 -1.58
CA SER A 391 5.40 -15.71 -0.19
C SER A 391 4.60 -14.65 0.54
N ILE A 392 4.64 -13.43 0.05
CA ILE A 392 4.08 -12.32 0.81
C ILE A 392 2.55 -12.31 0.76
N TYR A 393 1.97 -12.73 -0.37
CA TYR A 393 0.54 -12.55 -0.62
C TYR A 393 -0.25 -13.79 -1.02
N LYS A 394 0.43 -14.91 -1.23
CA LYS A 394 -0.15 -16.09 -1.83
C LYS A 394 -0.76 -15.73 -3.19
N LEU A 395 -0.12 -14.80 -3.91
CA LEU A 395 -0.49 -14.47 -5.28
C LEU A 395 0.44 -15.22 -6.22
N ASP A 396 -0.11 -16.12 -7.01
CA ASP A 396 0.66 -16.83 -8.02
C ASP A 396 0.65 -15.88 -9.19
N THR A 397 1.73 -15.87 -9.97
CA THR A 397 1.80 -15.02 -11.15
C THR A 397 1.75 -15.88 -12.42
N VAL A 398 1.24 -15.31 -13.51
CA VAL A 398 1.11 -16.06 -14.75
C VAL A 398 1.52 -15.21 -15.94
N VAL A 399 2.31 -15.80 -16.83
CA VAL A 399 2.77 -15.11 -18.03
C VAL A 399 1.70 -15.37 -19.05
N VAL A 400 0.95 -14.35 -19.45
CA VAL A 400 -0.15 -14.58 -20.40
C VAL A 400 0.36 -14.44 -21.83
N PRO A 401 0.22 -15.50 -22.67
CA PRO A 401 0.75 -15.44 -24.03
C PRO A 401 0.12 -14.33 -24.82
N THR A 402 0.92 -13.79 -25.73
CA THR A 402 0.52 -12.68 -26.57
C THR A 402 -0.44 -13.19 -27.64
N ASN A 403 -1.30 -12.31 -28.11
CA ASN A 403 -2.26 -12.63 -29.14
C ASN A 403 -1.55 -13.15 -30.36
N ARG A 404 -0.56 -12.38 -30.81
CA ARG A 404 0.32 -12.78 -31.89
C ARG A 404 1.62 -13.32 -31.28
N PRO A 405 2.38 -14.13 -32.02
CA PRO A 405 3.57 -14.67 -31.38
C PRO A 405 4.63 -13.59 -31.07
N MET A 406 5.36 -13.83 -29.99
CA MET A 406 6.50 -13.00 -29.63
C MET A 406 7.66 -13.40 -30.51
N ILE A 407 8.09 -12.52 -31.40
CA ILE A 407 9.13 -12.87 -32.36
C ILE A 407 10.36 -11.97 -32.27
N ARG A 408 10.42 -11.12 -31.24
CA ARG A 408 11.65 -10.39 -30.95
C ARG A 408 12.80 -11.37 -30.71
N LYS A 409 13.90 -11.13 -31.42
CA LYS A 409 15.10 -11.93 -31.19
C LYS A 409 15.97 -11.28 -30.11
N ASP A 410 15.92 -11.87 -28.91
CA ASP A 410 16.75 -11.42 -27.82
C ASP A 410 18.12 -12.06 -27.90
N LEU A 411 19.08 -11.28 -28.41
CA LEU A 411 20.38 -11.87 -28.72
C LEU A 411 21.23 -11.98 -27.44
N PRO A 412 22.29 -12.79 -27.46
CA PRO A 412 23.11 -12.87 -26.26
C PRO A 412 23.86 -11.57 -25.96
N ASP A 413 24.10 -11.36 -24.67
CA ASP A 413 24.82 -10.20 -24.21
C ASP A 413 26.22 -10.26 -24.77
N LEU A 414 26.79 -9.09 -25.04
CA LEU A 414 28.18 -9.00 -25.54
C LEU A 414 29.04 -8.29 -24.51
N VAL A 415 30.26 -8.78 -24.26
CA VAL A 415 31.12 -8.19 -23.24
C VAL A 415 32.48 -7.81 -23.80
N TYR A 416 32.91 -6.60 -23.46
CA TYR A 416 34.15 -6.01 -23.96
C TYR A 416 35.07 -5.59 -22.83
N MET A 417 36.35 -5.41 -23.14
CA MET A 417 37.34 -4.99 -22.14
C MET A 417 37.04 -3.60 -21.59
N THR A 418 36.81 -2.67 -22.51
CA THR A 418 36.57 -1.27 -22.16
C THR A 418 35.26 -0.71 -22.70
N GLU A 419 34.80 0.34 -22.04
CA GLU A 419 33.74 1.19 -22.53
C GLU A 419 33.94 1.53 -24.00
N ALA A 420 35.14 2.00 -24.36
CA ALA A 420 35.41 2.46 -25.72
C ALA A 420 35.12 1.40 -26.78
N GLU A 421 35.56 0.18 -26.53
CA GLU A 421 35.36 -0.93 -27.48
C GLU A 421 33.90 -1.32 -27.53
N LYS A 422 33.26 -1.32 -26.37
CA LYS A 422 31.83 -1.55 -26.26
C LYS A 422 31.05 -0.57 -27.15
N ILE A 423 31.33 0.71 -26.91
CA ILE A 423 30.78 1.78 -27.70
C ILE A 423 31.07 1.48 -29.17
N GLN A 424 32.33 1.14 -29.51
CA GLN A 424 32.67 0.89 -30.91
C GLN A 424 31.80 -0.21 -31.54
N ALA A 425 31.64 -1.30 -30.80
CA ALA A 425 30.80 -2.40 -31.26
C ALA A 425 29.36 -1.95 -31.43
N ILE A 426 28.86 -1.20 -30.44
CA ILE A 426 27.51 -0.65 -30.51
C ILE A 426 27.32 0.21 -31.78
N ILE A 427 28.22 1.17 -31.96
CA ILE A 427 28.25 2.03 -33.15
C ILE A 427 28.20 1.15 -34.39
N GLU A 428 29.06 0.12 -34.39
CA GLU A 428 29.08 -0.77 -35.56
C GLU A 428 27.75 -1.48 -35.79
N ASP A 429 27.12 -1.95 -34.71
CA ASP A 429 25.79 -2.59 -34.79
C ASP A 429 24.76 -1.63 -35.36
N ILE A 430 24.68 -0.44 -34.77
CA ILE A 430 23.75 0.61 -35.26
C ILE A 430 23.98 0.84 -36.75
N LYS A 431 25.26 1.01 -37.10
CA LYS A 431 25.65 1.25 -38.48
C LYS A 431 25.15 0.13 -39.40
N GLU A 432 25.36 -1.12 -38.98
CA GLU A 432 24.88 -2.27 -39.84
C GLU A 432 23.39 -2.26 -40.05
N ARG A 433 22.65 -2.14 -38.95
CA ARG A 433 21.19 -2.25 -39.00
C ARG A 433 20.54 -1.05 -39.69
N THR A 434 21.01 0.15 -39.34
CA THR A 434 20.54 1.32 -40.05
C THR A 434 20.90 1.18 -41.52
N ALA A 435 22.07 0.60 -41.81
CA ALA A 435 22.39 0.27 -43.22
C ALA A 435 21.37 -0.66 -43.89
N LYS A 436 20.76 -1.56 -43.11
CA LYS A 436 19.67 -2.41 -43.61
C LYS A 436 18.33 -1.67 -43.67
N GLY A 437 18.28 -0.45 -43.13
CA GLY A 437 17.04 0.32 -43.07
C GLY A 437 16.25 0.02 -41.81
N GLN A 438 16.91 -0.62 -40.84
CA GLN A 438 16.25 -1.10 -39.62
C GLN A 438 16.39 0.00 -38.59
N PRO A 439 15.28 0.38 -37.90
CA PRO A 439 15.42 1.41 -36.87
C PRO A 439 15.97 0.89 -35.54
N VAL A 440 16.58 1.78 -34.79
CA VAL A 440 17.23 1.38 -33.55
C VAL A 440 16.81 2.30 -32.41
N LEU A 441 16.59 1.70 -31.25
CA LEU A 441 16.43 2.45 -30.04
C LEU A 441 17.58 2.07 -29.14
N VAL A 442 18.34 3.06 -28.72
CA VAL A 442 19.47 2.87 -27.83
C VAL A 442 19.12 3.38 -26.45
N GLY A 443 19.20 2.51 -25.46
CA GLY A 443 18.91 2.87 -24.08
C GLY A 443 20.18 3.05 -23.30
N THR A 444 20.27 4.15 -22.54
CA THR A 444 21.40 4.39 -21.64
C THR A 444 20.95 4.61 -20.20
N ILE A 445 21.94 4.56 -19.33
CA ILE A 445 21.71 4.66 -17.90
C ILE A 445 21.81 6.08 -17.34
N SER A 446 22.26 7.03 -18.15
CA SER A 446 22.34 8.40 -17.70
C SER A 446 22.47 9.37 -18.87
N ILE A 447 22.17 10.61 -18.53
CA ILE A 447 22.22 11.70 -19.47
C ILE A 447 23.63 11.83 -20.03
N GLU A 448 24.63 11.71 -19.17
CA GLU A 448 26.04 11.81 -19.60
C GLU A 448 26.37 10.71 -20.59
N LYS A 449 25.84 9.51 -20.34
CA LYS A 449 26.04 8.40 -21.26
C LYS A 449 25.32 8.63 -22.58
N SER A 450 24.06 9.09 -22.52
CA SER A 450 23.34 9.54 -23.75
C SER A 450 24.12 10.58 -24.56
N GLU A 451 24.64 11.60 -23.89
CA GLU A 451 25.53 12.59 -24.53
C GLU A 451 26.76 11.92 -25.16
N LEU A 452 27.39 11.04 -24.38
CA LEU A 452 28.61 10.35 -24.82
C LEU A 452 28.35 9.58 -26.10
N VAL A 453 27.35 8.70 -26.04
CA VAL A 453 26.97 7.91 -27.23
C VAL A 453 26.49 8.80 -28.40
N SER A 454 25.69 9.83 -28.09
CA SER A 454 25.31 10.83 -29.10
C SER A 454 26.52 11.39 -29.83
N ASN A 455 27.47 11.91 -29.07
CA ASN A 455 28.68 12.47 -29.68
C ASN A 455 29.39 11.44 -30.55
N GLU A 456 29.47 10.21 -30.05
CA GLU A 456 30.17 9.15 -30.77
C GLU A 456 29.49 8.77 -32.09
N LEU A 457 28.16 8.72 -32.05
CA LEU A 457 27.37 8.43 -33.24
C LEU A 457 27.51 9.51 -34.27
N THR A 458 27.48 10.75 -33.82
CA THR A 458 27.69 11.90 -34.70
C THR A 458 29.09 11.84 -35.29
N LYS A 459 30.09 11.56 -34.45
CA LYS A 459 31.47 11.29 -34.87
C LYS A 459 31.52 10.26 -35.98
N ALA A 460 30.69 9.24 -35.84
CA ALA A 460 30.59 8.18 -36.86
C ALA A 460 29.71 8.52 -38.05
N GLY A 461 29.10 9.71 -38.06
CA GLY A 461 28.26 10.13 -39.16
C GLY A 461 26.87 9.51 -39.16
N ILE A 462 26.42 9.05 -38.00
CA ILE A 462 25.09 8.48 -37.85
C ILE A 462 24.15 9.56 -37.34
N LYS A 463 23.20 9.95 -38.17
CA LYS A 463 22.18 10.88 -37.73
C LYS A 463 21.27 10.18 -36.73
N HIS A 464 20.83 10.91 -35.71
CA HIS A 464 19.97 10.37 -34.66
C HIS A 464 19.30 11.50 -33.92
N ASN A 465 18.41 11.19 -32.98
CA ASN A 465 17.96 12.18 -32.00
C ASN A 465 18.07 11.61 -30.59
N VAL A 466 18.44 12.46 -29.65
CA VAL A 466 18.44 12.10 -28.24
C VAL A 466 17.10 12.54 -27.68
N LEU A 467 16.48 11.72 -26.86
CA LEU A 467 15.29 12.16 -26.12
C LEU A 467 15.72 12.82 -24.82
N ASN A 468 15.61 14.16 -24.77
CA ASN A 468 16.00 14.97 -23.61
C ASN A 468 14.77 15.28 -22.78
N ALA A 469 14.80 14.84 -21.52
CA ALA A 469 13.73 15.07 -20.52
C ALA A 469 13.26 16.53 -20.39
N LYS A 470 14.15 17.47 -20.69
CA LYS A 470 13.80 18.88 -20.74
C LYS A 470 12.82 19.28 -21.87
N PHE A 471 12.74 18.50 -22.95
CA PHE A 471 12.03 18.94 -24.17
C PHE A 471 10.91 17.96 -24.58
N HIS A 472 9.74 18.14 -23.96
CA HIS A 472 8.62 17.19 -24.12
C HIS A 472 8.04 17.13 -25.54
N ALA A 473 7.95 18.30 -26.17
CA ALA A 473 7.42 18.42 -27.53
C ALA A 473 8.30 17.69 -28.53
N ASN A 474 9.61 17.94 -28.38
CA ASN A 474 10.60 17.23 -29.13
C ASN A 474 10.50 15.72 -28.89
N GLU A 475 10.32 15.30 -27.64
CA GLU A 475 10.19 13.86 -27.36
C GLU A 475 9.06 13.25 -28.20
N ALA A 476 7.87 13.84 -28.09
CA ALA A 476 6.71 13.38 -28.87
C ALA A 476 6.94 13.43 -30.39
N ALA A 477 7.54 14.53 -30.84
CA ALA A 477 7.89 14.66 -32.24
C ALA A 477 8.87 13.58 -32.72
N ILE A 478 9.83 13.18 -31.88
CA ILE A 478 10.85 12.20 -32.27
C ILE A 478 10.22 10.83 -32.24
N VAL A 479 9.48 10.57 -31.19
CA VAL A 479 8.84 9.27 -31.07
C VAL A 479 7.88 9.01 -32.24
N ALA A 480 7.20 10.05 -32.72
CA ALA A 480 6.46 9.90 -34.00
C ALA A 480 7.29 9.23 -35.11
N GLN A 481 8.56 9.63 -35.27
CA GLN A 481 9.40 9.07 -36.32
C GLN A 481 10.42 8.07 -35.82
N ALA A 482 10.27 7.60 -34.60
CA ALA A 482 11.29 6.75 -34.00
C ALA A 482 11.46 5.39 -34.68
N GLY A 483 10.36 4.90 -35.31
CA GLY A 483 10.32 3.62 -36.04
C GLY A 483 10.35 3.79 -37.55
N TYR A 484 10.65 4.99 -38.02
CA TYR A 484 10.84 5.26 -39.43
C TYR A 484 12.10 4.50 -39.88
N PRO A 485 12.16 4.07 -41.15
CA PRO A 485 13.35 3.39 -41.66
C PRO A 485 14.66 4.02 -41.22
N ALA A 486 15.49 3.20 -40.58
CA ALA A 486 16.82 3.60 -40.10
C ALA A 486 16.82 4.69 -39.02
N ALA A 487 15.66 5.02 -38.44
CA ALA A 487 15.66 6.06 -37.39
C ALA A 487 16.46 5.55 -36.20
N VAL A 488 17.22 6.46 -35.58
CA VAL A 488 18.05 6.11 -34.43
C VAL A 488 17.70 7.06 -33.30
N THR A 489 17.27 6.49 -32.18
CA THR A 489 16.82 7.29 -31.06
C THR A 489 17.57 6.85 -29.82
N ILE A 490 18.09 7.82 -29.07
CA ILE A 490 18.74 7.52 -27.79
C ILE A 490 17.81 7.92 -26.69
N ALA A 491 17.55 7.00 -25.78
CA ALA A 491 16.76 7.29 -24.62
C ALA A 491 17.57 7.03 -23.35
N THR A 492 17.31 7.88 -22.34
CA THR A 492 17.98 7.82 -21.05
C THR A 492 17.01 7.30 -20.00
N ASN A 493 17.43 6.25 -19.25
CA ASN A 493 16.61 5.67 -18.15
C ASN A 493 15.12 5.61 -18.48
N MET A 494 14.82 4.84 -19.51
CA MET A 494 13.48 4.80 -20.05
C MET A 494 12.44 4.54 -18.98
N ALA A 495 11.37 5.35 -19.01
CA ALA A 495 10.28 5.30 -18.02
C ALA A 495 9.68 3.89 -17.84
N GLY A 496 8.55 3.57 -18.48
CA GLY A 496 7.95 2.25 -18.33
C GLY A 496 6.73 2.09 -19.20
N ARG A 497 6.72 1.02 -20.01
CA ARG A 497 5.80 0.81 -21.16
C ARG A 497 5.98 1.82 -22.30
N GLY A 498 5.89 3.13 -22.02
CA GLY A 498 6.28 4.14 -22.98
C GLY A 498 5.36 4.19 -24.17
N THR A 499 5.44 5.29 -24.92
CA THR A 499 4.59 5.45 -26.09
C THR A 499 4.96 4.41 -27.13
N ASP A 500 3.96 3.63 -27.57
CA ASP A 500 4.13 2.73 -28.72
C ASP A 500 4.83 3.46 -29.87
N ILE A 501 5.85 2.80 -30.40
CA ILE A 501 6.62 3.28 -31.53
C ILE A 501 6.13 2.47 -32.71
N VAL A 502 5.48 3.12 -33.67
CA VAL A 502 4.91 2.40 -34.81
C VAL A 502 6.00 2.15 -35.85
N LEU A 503 6.11 0.90 -36.28
CA LEU A 503 7.08 0.54 -37.31
C LEU A 503 6.72 1.17 -38.65
N GLY A 504 7.72 1.76 -39.30
CA GLY A 504 7.52 2.51 -40.54
C GLY A 504 7.00 3.92 -40.34
N GLY A 505 6.80 4.32 -39.08
CA GLY A 505 6.17 5.60 -38.74
C GLY A 505 4.68 5.47 -38.47
N SER A 506 4.14 6.51 -37.85
CA SER A 506 2.71 6.66 -37.64
C SER A 506 2.17 7.52 -38.78
N TRP A 507 1.31 6.92 -39.60
CA TRP A 507 0.52 7.67 -40.61
C TRP A 507 -0.58 8.52 -39.95
N GLN A 508 -1.01 8.05 -38.79
CA GLN A 508 -2.05 8.71 -38.00
C GLN A 508 -1.60 10.09 -37.55
N ALA A 509 -0.35 10.21 -37.14
CA ALA A 509 0.28 11.51 -36.92
C ALA A 509 0.44 12.29 -38.24
N GLU A 510 0.63 11.58 -39.35
CA GLU A 510 0.75 12.25 -40.66
C GLU A 510 -0.56 12.96 -40.98
N VAL A 511 -1.68 12.30 -40.74
CA VAL A 511 -3.00 12.96 -40.97
C VAL A 511 -3.32 14.04 -39.90
N ALA A 512 -3.05 13.74 -38.62
CA ALA A 512 -3.11 14.78 -37.58
C ALA A 512 -2.27 16.00 -37.92
N ALA A 513 -1.19 15.80 -38.69
CA ALA A 513 -0.43 16.94 -39.23
C ALA A 513 -1.15 17.76 -40.33
N LEU A 514 -1.95 17.11 -41.18
CA LEU A 514 -2.52 17.79 -42.35
C LEU A 514 -3.37 18.99 -41.95
N GLU A 515 -3.28 20.03 -42.77
CA GLU A 515 -4.05 21.27 -42.62
C GLU A 515 -5.56 21.05 -42.82
N ASN A 516 -5.88 20.43 -43.95
CA ASN A 516 -7.25 20.15 -44.37
C ASN A 516 -7.27 18.80 -45.15
N PRO A 517 -7.03 17.70 -44.43
CA PRO A 517 -6.88 16.38 -45.06
C PRO A 517 -7.97 15.99 -46.07
N THR A 518 -7.54 15.66 -47.29
CA THR A 518 -8.44 15.17 -48.35
C THR A 518 -8.62 13.66 -48.17
N ALA A 519 -9.19 13.00 -49.17
CA ALA A 519 -9.29 11.53 -49.22
C ALA A 519 -8.04 10.88 -49.82
N GLU A 520 -7.53 11.47 -50.91
CA GLU A 520 -6.40 10.90 -51.65
C GLU A 520 -5.04 11.23 -51.05
N GLN A 521 -4.96 12.28 -50.24
CA GLN A 521 -3.79 12.48 -49.38
C GLN A 521 -3.63 11.32 -48.40
N ILE A 522 -4.75 10.92 -47.81
CA ILE A 522 -4.75 9.83 -46.82
C ILE A 522 -4.48 8.48 -47.52
N GLU A 523 -4.59 8.45 -48.85
CA GLU A 523 -4.21 7.29 -49.63
C GLU A 523 -2.72 7.23 -49.94
N LYS A 524 -2.20 8.36 -50.43
CA LYS A 524 -0.75 8.55 -50.61
C LYS A 524 -0.06 8.19 -49.29
N ILE A 525 -0.64 8.69 -48.19
CA ILE A 525 -0.06 8.49 -46.85
C ILE A 525 -0.06 7.03 -46.39
N LYS A 526 -1.21 6.37 -46.55
CA LYS A 526 -1.34 4.95 -46.20
C LYS A 526 -0.50 4.06 -47.11
N ALA A 527 -0.41 4.41 -48.40
CA ALA A 527 0.34 3.58 -49.35
C ALA A 527 1.83 3.65 -49.05
N ASP A 528 2.32 4.89 -48.97
CA ASP A 528 3.69 5.14 -48.52
C ASP A 528 3.96 4.47 -47.16
N TRP A 529 3.01 4.60 -46.23
CA TRP A 529 3.18 4.01 -44.91
C TRP A 529 3.34 2.50 -44.98
N GLN A 530 2.42 1.86 -45.71
CA GLN A 530 2.48 0.41 -45.96
C GLN A 530 3.87 -0.02 -46.41
N VAL A 531 4.39 0.68 -47.40
CA VAL A 531 5.71 0.39 -47.93
C VAL A 531 6.80 0.54 -46.85
N ARG A 532 6.75 1.63 -46.08
CA ARG A 532 7.78 1.85 -45.03
C ARG A 532 7.71 0.78 -43.95
N HIS A 533 6.50 0.55 -43.49
CA HIS A 533 6.20 -0.44 -42.45
C HIS A 533 6.69 -1.80 -42.90
N ASP A 534 6.32 -2.18 -44.12
CA ASP A 534 6.71 -3.49 -44.67
C ASP A 534 8.20 -3.60 -44.91
N ALA A 535 8.80 -2.53 -45.41
CA ALA A 535 10.26 -2.46 -45.54
C ALA A 535 10.98 -2.64 -44.18
N VAL A 536 10.51 -1.92 -43.15
CA VAL A 536 11.09 -2.03 -41.80
C VAL A 536 10.89 -3.43 -41.23
N LEU A 537 9.68 -3.98 -41.42
CA LEU A 537 9.43 -5.36 -41.01
C LEU A 537 10.37 -6.32 -41.71
N GLU A 538 10.57 -6.12 -43.02
CA GLU A 538 11.54 -6.95 -43.75
C GLU A 538 12.96 -6.77 -43.23
N ALA A 539 13.36 -5.54 -42.93
CA ALA A 539 14.69 -5.30 -42.36
C ALA A 539 14.88 -5.80 -40.91
N GLY A 540 13.80 -6.24 -40.26
CA GLY A 540 13.89 -6.91 -38.96
C GLY A 540 13.19 -6.21 -37.81
N GLY A 541 12.42 -5.15 -38.11
CA GLY A 541 11.70 -4.42 -37.04
C GLY A 541 12.60 -3.54 -36.18
N LEU A 542 12.11 -3.12 -35.01
CA LEU A 542 12.91 -2.30 -34.11
C LEU A 542 14.02 -3.10 -33.42
N HIS A 543 15.25 -2.61 -33.54
CA HIS A 543 16.33 -3.14 -32.73
C HIS A 543 16.55 -2.33 -31.44
N ILE A 544 16.65 -3.03 -30.32
CA ILE A 544 16.91 -2.42 -29.04
C ILE A 544 18.34 -2.65 -28.63
N ILE A 545 19.07 -1.57 -28.36
CA ILE A 545 20.44 -1.66 -27.82
C ILE A 545 20.53 -1.15 -26.40
N GLY A 546 20.94 -2.03 -25.50
CA GLY A 546 21.25 -1.59 -24.14
C GLY A 546 22.74 -1.43 -24.01
N THR A 547 23.18 -0.20 -23.76
CA THR A 547 24.60 0.08 -23.67
C THR A 547 25.21 -0.39 -22.34
N GLU A 548 24.39 -0.56 -21.33
CA GLU A 548 24.81 -1.17 -20.09
C GLU A 548 23.62 -2.00 -19.66
N ARG A 549 23.85 -2.90 -18.74
CA ARG A 549 22.75 -3.41 -17.95
C ARG A 549 22.72 -2.64 -16.66
N HIS A 550 21.51 -2.41 -16.15
CA HIS A 550 21.29 -1.77 -14.86
C HIS A 550 21.48 -2.81 -13.80
N GLU A 551 21.62 -2.37 -12.56
CA GLU A 551 21.73 -3.27 -11.41
C GLU A 551 20.47 -4.15 -11.32
N SER A 552 19.31 -3.55 -11.63
CA SER A 552 18.05 -4.26 -11.70
C SER A 552 17.75 -4.61 -13.14
N ARG A 553 17.50 -5.89 -13.37
CA ARG A 553 17.16 -6.38 -14.70
C ARG A 553 15.78 -5.93 -15.16
N ARG A 554 14.85 -5.72 -14.23
CA ARG A 554 13.50 -5.27 -14.56
C ARG A 554 13.50 -4.03 -15.47
N ILE A 555 14.43 -3.11 -15.19
CA ILE A 555 14.62 -1.91 -16.01
C ILE A 555 14.98 -2.32 -17.44
N ASP A 556 15.90 -3.28 -17.52
CA ASP A 556 16.29 -3.83 -18.81
C ASP A 556 15.11 -4.49 -19.52
N ASN A 557 14.31 -5.24 -18.80
CA ASN A 557 13.11 -5.86 -19.36
C ASN A 557 12.11 -4.83 -19.85
N GLN A 558 11.99 -3.70 -19.12
CA GLN A 558 11.15 -2.58 -19.58
C GLN A 558 11.70 -1.91 -20.81
N LEU A 559 13.03 -1.69 -20.87
CA LEU A 559 13.61 -1.20 -22.14
C LEU A 559 13.33 -2.16 -23.28
N ARG A 560 13.76 -3.40 -23.09
CA ARG A 560 13.60 -4.47 -24.06
C ARG A 560 12.15 -4.63 -24.52
N GLY A 561 11.21 -4.46 -23.59
CA GLY A 561 9.79 -4.51 -23.89
C GLY A 561 9.29 -3.55 -24.96
N ARG A 562 10.08 -2.55 -25.31
CA ARG A 562 9.66 -1.58 -26.31
C ARG A 562 9.66 -2.14 -27.71
N SER A 563 10.37 -3.24 -27.93
CA SER A 563 10.36 -3.89 -29.23
C SER A 563 9.51 -5.14 -29.27
N GLY A 564 9.04 -5.45 -30.47
CA GLY A 564 8.34 -6.70 -30.74
C GLY A 564 6.88 -6.76 -30.33
N ARG A 565 6.25 -5.60 -30.17
CA ARG A 565 4.88 -5.54 -29.66
C ARG A 565 3.85 -5.96 -30.70
N GLN A 566 2.85 -6.70 -30.24
CA GLN A 566 1.76 -7.19 -31.11
C GLN A 566 2.30 -7.94 -32.33
N GLY A 567 3.29 -8.80 -32.08
CA GLY A 567 3.86 -9.67 -33.08
C GLY A 567 4.79 -9.03 -34.09
N ASP A 568 5.00 -7.71 -33.97
CA ASP A 568 5.95 -7.00 -34.82
C ASP A 568 7.32 -7.64 -34.65
N ALA A 569 8.05 -7.74 -35.75
CA ALA A 569 9.44 -8.19 -35.75
C ALA A 569 10.29 -7.27 -34.90
N GLY A 570 11.34 -7.81 -34.32
CA GLY A 570 12.26 -6.99 -33.54
C GLY A 570 13.43 -7.77 -33.04
N SER A 571 14.35 -7.06 -32.39
CA SER A 571 15.49 -7.71 -31.77
C SER A 571 16.05 -6.88 -30.64
N SER A 572 16.83 -7.52 -29.77
CA SER A 572 17.52 -6.81 -28.69
C SER A 572 18.94 -7.28 -28.47
N ARG A 573 19.77 -6.37 -28.00
CA ARG A 573 21.13 -6.68 -27.63
C ARG A 573 21.60 -5.82 -26.49
N PHE A 574 22.19 -6.47 -25.48
CA PHE A 574 22.80 -5.75 -24.38
C PHE A 574 24.30 -5.88 -24.41
N TYR A 575 24.97 -4.78 -24.07
CA TYR A 575 26.43 -4.71 -24.12
C TYR A 575 26.97 -4.42 -22.75
N LEU A 576 28.08 -5.03 -22.40
CA LEU A 576 28.75 -4.76 -21.14
C LEU A 576 30.26 -4.66 -21.29
N SER A 577 30.90 -3.99 -20.33
CA SER A 577 32.35 -3.87 -20.28
C SER A 577 32.82 -4.14 -18.87
N MET A 578 34.12 -4.40 -18.74
CA MET A 578 34.74 -4.64 -17.43
C MET A 578 34.77 -3.39 -16.54
N GLU A 579 34.62 -2.22 -17.13
CA GLU A 579 34.58 -0.96 -16.40
C GLU A 579 33.15 -0.43 -16.36
N ASP A 580 32.17 -1.33 -16.43
CA ASP A 580 30.77 -0.96 -16.21
C ASP A 580 30.51 -0.96 -14.72
N ALA A 581 29.62 -0.05 -14.30
CA ALA A 581 29.12 -0.01 -12.91
C ALA A 581 28.72 -1.42 -12.44
N LEU A 582 27.93 -2.10 -13.26
CA LEU A 582 27.53 -3.49 -12.98
C LEU A 582 28.70 -4.41 -12.63
N MET A 583 29.86 -4.19 -13.25
CA MET A 583 31.03 -5.03 -12.94
C MET A 583 31.75 -4.64 -11.64
N ARG A 584 31.07 -3.85 -10.77
CA ARG A 584 31.53 -3.60 -9.39
C ARG A 584 31.05 -4.66 -8.39
N ILE A 585 29.83 -5.17 -8.58
CA ILE A 585 29.21 -6.11 -7.62
C ILE A 585 29.98 -7.44 -7.40
N PHE A 586 31.08 -7.66 -8.14
CA PHE A 586 32.06 -8.71 -7.82
C PHE A 586 33.16 -8.26 -6.85
N ALA A 587 32.94 -7.19 -6.08
CA ALA A 587 33.77 -6.77 -4.92
C ALA A 587 35.23 -7.30 -4.82
N SER A 588 35.89 -7.45 -5.96
CA SER A 588 37.22 -8.08 -6.03
C SER A 588 37.86 -7.87 -7.42
N ASP A 589 39.02 -7.21 -7.41
CA ASP A 589 39.70 -6.69 -8.61
C ASP A 589 40.30 -7.78 -9.46
N ARG A 590 40.95 -8.74 -8.79
CA ARG A 590 41.44 -9.93 -9.47
C ARG A 590 40.30 -10.73 -10.10
N VAL A 591 39.24 -11.00 -9.33
CA VAL A 591 38.13 -11.87 -9.78
C VAL A 591 37.59 -11.37 -11.12
N SER A 592 36.92 -10.21 -11.09
CA SER A 592 36.50 -9.52 -12.31
C SER A 592 37.63 -9.49 -13.35
N GLY A 593 38.86 -9.25 -12.87
CA GLY A 593 40.04 -9.20 -13.73
C GLY A 593 40.52 -10.50 -14.37
N MET A 594 39.84 -11.63 -14.10
CA MET A 594 40.20 -12.91 -14.74
C MET A 594 39.58 -13.03 -16.14
N MET A 595 38.42 -12.43 -16.33
CA MET A 595 37.72 -12.42 -17.63
C MET A 595 38.59 -11.84 -18.74
N ARG A 596 39.47 -10.92 -18.37
CA ARG A 596 40.50 -10.35 -19.27
C ARG A 596 41.39 -11.43 -19.90
N LYS A 597 41.53 -12.59 -19.25
CA LYS A 597 42.34 -13.69 -19.80
C LYS A 597 41.65 -14.50 -20.90
N LEU A 598 40.32 -14.41 -21.03
CA LEU A 598 39.66 -14.89 -22.26
C LEU A 598 39.95 -13.96 -23.46
N GLY A 599 40.46 -12.75 -23.21
CA GLY A 599 41.15 -11.96 -24.25
C GLY A 599 40.33 -10.94 -25.01
N MET A 600 39.20 -11.36 -25.57
CA MET A 600 38.24 -10.47 -26.29
C MET A 600 38.70 -9.97 -27.67
N LYS A 601 39.98 -9.58 -27.79
CA LYS A 601 40.59 -9.23 -29.07
C LYS A 601 39.89 -8.05 -29.75
N PRO A 602 40.34 -6.79 -29.49
CA PRO A 602 39.71 -5.57 -30.01
C PRO A 602 38.82 -5.69 -31.27
N GLY A 603 37.66 -6.35 -31.11
CA GLY A 603 36.69 -6.57 -32.20
C GLY A 603 36.59 -7.97 -32.81
N GLU A 604 37.31 -8.95 -32.24
CA GLU A 604 37.28 -10.34 -32.70
C GLU A 604 36.67 -11.23 -31.61
N ALA A 605 35.52 -10.81 -31.09
CA ALA A 605 34.82 -11.53 -30.01
C ALA A 605 34.11 -12.79 -30.53
N ILE A 606 33.65 -13.63 -29.60
CA ILE A 606 33.06 -14.96 -29.92
C ILE A 606 31.56 -15.06 -29.59
N GLU A 607 31.16 -14.54 -28.42
CA GLU A 607 29.86 -14.78 -27.74
C GLU A 607 29.95 -16.07 -26.93
N HIS A 608 29.74 -15.97 -25.62
CA HIS A 608 29.70 -17.16 -24.78
C HIS A 608 28.37 -17.19 -24.06
N PRO A 609 27.44 -18.07 -24.51
CA PRO A 609 26.10 -18.08 -23.90
C PRO A 609 26.06 -18.27 -22.38
N TRP A 610 27.12 -18.85 -21.79
CA TRP A 610 27.24 -18.92 -20.32
C TRP A 610 27.36 -17.55 -19.64
N VAL A 611 27.94 -16.56 -20.34
CA VAL A 611 28.09 -15.20 -19.80
C VAL A 611 26.73 -14.58 -19.47
N THR A 612 25.79 -14.71 -20.41
CA THR A 612 24.44 -14.18 -20.23
C THR A 612 23.76 -14.79 -18.98
N LYS A 613 23.88 -16.11 -18.84
CA LYS A 613 23.41 -16.84 -17.66
C LYS A 613 24.09 -16.35 -16.40
N ALA A 614 25.42 -16.22 -16.44
CA ALA A 614 26.19 -15.68 -15.29
C ALA A 614 25.69 -14.30 -14.87
N ILE A 615 25.48 -13.44 -15.85
CA ILE A 615 24.95 -12.10 -15.60
C ILE A 615 23.54 -12.17 -15.02
N ALA A 616 22.65 -12.94 -15.65
CA ALA A 616 21.28 -13.09 -15.10
C ALA A 616 21.29 -13.63 -13.66
N ASN A 617 22.19 -14.57 -13.41
CA ASN A 617 22.36 -15.16 -12.09
C ASN A 617 22.79 -14.13 -11.07
N ALA A 618 23.78 -13.31 -11.42
CA ALA A 618 24.18 -12.20 -10.54
C ALA A 618 22.98 -11.30 -10.15
N GLN A 619 22.26 -10.84 -11.16
CA GLN A 619 21.10 -9.97 -10.94
C GLN A 619 19.99 -10.68 -10.12
N ARG A 620 19.77 -11.97 -10.38
CA ARG A 620 18.79 -12.68 -9.50
C ARG A 620 19.30 -12.91 -8.08
N LYS A 621 20.62 -13.02 -7.90
CA LYS A 621 21.19 -13.04 -6.53
C LYS A 621 21.08 -11.68 -5.84
N VAL A 622 21.29 -10.58 -6.59
CA VAL A 622 21.04 -9.23 -6.03
C VAL A 622 19.57 -9.11 -5.64
N GLU A 623 18.68 -9.49 -6.56
CA GLU A 623 17.24 -9.54 -6.22
C GLU A 623 16.92 -10.43 -4.98
N SER A 624 17.52 -11.60 -4.91
CA SER A 624 17.37 -12.46 -3.72
C SER A 624 17.85 -11.75 -2.45
N ARG A 625 19.03 -11.13 -2.53
CA ARG A 625 19.52 -10.29 -1.43
C ARG A 625 18.46 -9.24 -1.04
N ASN A 626 17.93 -8.53 -2.04
CA ASN A 626 16.85 -7.55 -1.78
C ASN A 626 15.65 -8.16 -1.06
N PHE A 627 15.19 -9.31 -1.57
CA PHE A 627 14.04 -9.98 -0.97
C PHE A 627 14.32 -10.41 0.47
N ASP A 628 15.51 -10.94 0.72
CA ASP A 628 15.84 -11.27 2.12
C ASP A 628 15.67 -10.05 3.05
N ILE A 629 16.19 -8.90 2.62
CA ILE A 629 16.03 -7.65 3.38
C ILE A 629 14.56 -7.28 3.51
N ARG A 630 13.84 -7.42 2.40
CA ARG A 630 12.41 -7.10 2.39
C ARG A 630 11.59 -7.91 3.40
N LYS A 631 11.83 -9.23 3.39
CA LYS A 631 11.17 -10.14 4.33
C LYS A 631 11.43 -9.75 5.79
N GLN A 632 12.68 -9.38 6.10
CA GLN A 632 13.01 -8.84 7.42
C GLN A 632 12.18 -7.64 7.79
N LEU A 633 12.10 -6.67 6.90
CA LEU A 633 11.31 -5.46 7.15
C LEU A 633 9.82 -5.79 7.31
N LEU A 634 9.31 -6.67 6.45
CA LEU A 634 7.91 -7.12 6.55
C LEU A 634 7.60 -7.86 7.87
N GLU A 635 8.60 -8.62 8.35
CA GLU A 635 8.52 -9.15 9.73
C GLU A 635 8.34 -8.07 10.80
N TYR A 636 9.06 -6.95 10.72
CA TYR A 636 8.79 -5.79 11.60
C TYR A 636 7.39 -5.23 11.34
N ASP A 637 7.02 -5.08 10.08
CA ASP A 637 5.69 -4.53 9.75
C ASP A 637 4.51 -5.36 10.29
N ASP A 638 4.67 -6.68 10.33
CA ASP A 638 3.61 -7.54 10.90
C ASP A 638 3.13 -7.19 12.33
N VAL A 639 4.01 -6.63 13.13
CA VAL A 639 3.67 -6.22 14.49
C VAL A 639 2.58 -5.17 14.45
N ALA A 640 2.89 -4.06 13.80
CA ALA A 640 1.99 -2.94 13.70
C ALA A 640 0.77 -3.36 12.90
N ASN A 641 0.98 -4.16 11.85
CA ASN A 641 -0.17 -4.64 11.09
C ASN A 641 -1.16 -5.44 11.95
N ASP A 642 -0.64 -6.42 12.70
CA ASP A 642 -1.48 -7.22 13.59
C ASP A 642 -2.10 -6.36 14.71
N GLN A 643 -1.32 -5.43 15.26
CA GLN A 643 -1.88 -4.51 16.24
C GLN A 643 -3.06 -3.73 15.67
N ARG A 644 -2.86 -3.13 14.50
CA ARG A 644 -3.92 -2.37 13.82
C ARG A 644 -5.14 -3.26 13.50
N ARG A 645 -4.86 -4.44 12.96
CA ARG A 645 -5.90 -5.40 12.61
C ARG A 645 -6.73 -5.75 13.84
N ALA A 646 -6.04 -6.03 14.96
CA ALA A 646 -6.69 -6.41 16.21
C ALA A 646 -7.53 -5.29 16.74
N ILE A 647 -6.91 -4.11 16.84
CA ILE A 647 -7.62 -2.96 17.39
C ILE A 647 -8.83 -2.55 16.52
N TYR A 648 -8.66 -2.58 15.20
CA TYR A 648 -9.76 -2.25 14.27
C TYR A 648 -10.86 -3.32 14.24
N SER A 649 -10.48 -4.60 14.39
CA SER A 649 -11.48 -5.67 14.54
C SER A 649 -12.39 -5.44 15.77
N GLN A 650 -11.73 -5.16 16.88
CA GLN A 650 -12.41 -4.84 18.10
C GLN A 650 -13.24 -3.57 17.96
N ARG A 651 -12.67 -2.55 17.32
CA ARG A 651 -13.40 -1.30 17.09
C ARG A 651 -14.66 -1.53 16.28
N ASN A 652 -14.51 -2.27 15.19
CA ASN A 652 -15.65 -2.60 14.36
C ASN A 652 -16.65 -3.49 15.05
N GLU A 653 -16.21 -4.43 15.90
CA GLU A 653 -17.17 -5.12 16.79
C GLU A 653 -18.04 -4.10 17.55
N LEU A 654 -17.42 -3.05 18.10
CA LEU A 654 -18.16 -2.00 18.80
C LEU A 654 -19.10 -1.32 17.85
N LEU A 655 -18.55 -0.89 16.72
CA LEU A 655 -19.35 -0.18 15.72
C LEU A 655 -20.57 -0.96 15.20
N ASP A 656 -20.42 -2.26 15.03
CA ASP A 656 -21.46 -3.11 14.44
C ASP A 656 -22.66 -3.35 15.38
N VAL A 657 -22.49 -3.13 16.68
CA VAL A 657 -23.54 -3.43 17.66
C VAL A 657 -24.26 -2.14 18.08
N SER A 658 -25.55 -2.26 18.38
CA SER A 658 -26.37 -1.14 18.85
C SER A 658 -26.20 -0.89 20.34
N ASP A 659 -26.04 -1.99 21.07
CA ASP A 659 -26.22 -2.04 22.50
C ASP A 659 -24.98 -2.65 23.13
N VAL A 660 -24.26 -1.84 23.90
CA VAL A 660 -22.98 -2.26 24.47
C VAL A 660 -23.12 -2.59 25.98
N SER A 661 -24.36 -2.63 26.48
CA SER A 661 -24.66 -2.99 27.88
C SER A 661 -23.76 -4.11 28.39
N GLU A 662 -23.83 -5.26 27.73
CA GLU A 662 -23.12 -6.47 28.17
C GLU A 662 -21.62 -6.23 28.34
N THR A 663 -21.01 -5.69 27.28
CA THR A 663 -19.60 -5.32 27.30
C THR A 663 -19.31 -4.37 28.45
N ILE A 664 -20.13 -3.33 28.59
CA ILE A 664 -19.95 -2.38 29.69
C ILE A 664 -19.96 -3.09 31.05
N ASN A 665 -21.02 -3.86 31.32
CA ASN A 665 -21.12 -4.60 32.59
C ASN A 665 -19.91 -5.50 32.81
N SER A 666 -19.53 -6.22 31.75
CA SER A 666 -18.47 -7.20 31.81
C SER A 666 -17.10 -6.56 32.07
N ILE A 667 -16.76 -5.53 31.32
CA ILE A 667 -15.49 -4.83 31.59
C ILE A 667 -15.56 -4.02 32.88
N ARG A 668 -16.76 -3.64 33.30
CA ARG A 668 -16.94 -3.01 34.62
C ARG A 668 -16.50 -3.96 35.72
N GLU A 669 -16.90 -5.23 35.59
CA GLU A 669 -16.52 -6.26 36.55
C GLU A 669 -15.01 -6.44 36.55
N ASP A 670 -14.44 -6.61 35.37
CA ASP A 670 -12.99 -6.82 35.23
C ASP A 670 -12.23 -5.64 35.80
N VAL A 671 -12.69 -4.43 35.50
CA VAL A 671 -12.01 -3.21 35.93
C VAL A 671 -12.05 -3.04 37.42
N PHE A 672 -13.23 -3.17 38.02
CA PHE A 672 -13.33 -3.01 39.46
C PHE A 672 -12.67 -4.17 40.22
N LYS A 673 -12.82 -5.39 39.72
CA LYS A 673 -12.11 -6.55 40.28
C LYS A 673 -10.60 -6.31 40.27
N ALA A 674 -10.06 -6.07 39.07
CA ALA A 674 -8.65 -5.75 38.94
C ALA A 674 -8.25 -4.57 39.85
N THR A 675 -9.09 -3.54 39.93
CA THR A 675 -8.78 -2.34 40.73
C THR A 675 -8.76 -2.61 42.23
N ILE A 676 -9.75 -3.32 42.75
CA ILE A 676 -9.76 -3.75 44.16
C ILE A 676 -8.57 -4.67 44.42
N ASP A 677 -8.31 -5.61 43.50
CA ASP A 677 -7.14 -6.51 43.66
C ASP A 677 -5.83 -5.77 43.94
N ALA A 678 -5.67 -4.60 43.32
CA ALA A 678 -4.49 -3.75 43.56
C ALA A 678 -4.32 -3.30 45.02
N TYR A 679 -5.42 -3.22 45.80
CA TYR A 679 -5.32 -2.83 47.23
C TYR A 679 -5.62 -3.96 48.21
N ILE A 680 -6.39 -4.95 47.77
CA ILE A 680 -6.74 -6.09 48.59
C ILE A 680 -6.36 -7.37 47.81
N PRO A 681 -5.11 -7.88 48.01
CA PRO A 681 -4.66 -9.05 47.26
C PRO A 681 -5.55 -10.28 47.51
N PRO A 682 -6.10 -10.91 46.44
CA PRO A 682 -7.08 -11.98 46.62
C PRO A 682 -6.58 -13.13 47.50
N GLN A 683 -7.35 -13.43 48.55
CA GLN A 683 -7.04 -14.44 49.57
C GLN A 683 -5.88 -14.05 50.51
N SER A 684 -5.51 -12.74 50.58
CA SER A 684 -4.49 -12.32 51.58
C SER A 684 -5.12 -11.88 52.91
N LEU A 685 -4.28 -11.77 53.94
CA LEU A 685 -4.73 -11.38 55.28
C LEU A 685 -5.13 -9.90 55.31
N GLU A 686 -5.73 -9.43 56.41
CA GLU A 686 -6.20 -8.03 56.50
C GLU A 686 -5.09 -6.99 56.64
N GLU A 687 -3.96 -7.37 57.24
CA GLU A 687 -2.86 -6.43 57.45
C GLU A 687 -2.23 -5.93 56.13
N MET A 688 -2.43 -6.67 55.04
CA MET A 688 -1.90 -6.29 53.72
C MET A 688 -2.80 -5.26 52.99
N TRP A 689 -4.01 -5.01 53.49
CA TRP A 689 -4.97 -4.19 52.75
C TRP A 689 -4.63 -2.69 52.89
N ASP A 690 -4.76 -1.93 51.79
CA ASP A 690 -4.53 -0.48 51.78
C ASP A 690 -5.84 0.28 51.51
N ILE A 691 -6.61 0.45 52.58
CA ILE A 691 -7.96 1.05 52.49
C ILE A 691 -7.95 2.57 52.18
N PRO A 692 -7.06 3.36 52.82
CA PRO A 692 -6.93 4.78 52.42
C PRO A 692 -6.62 4.96 50.93
N GLY A 693 -5.70 4.13 50.42
CA GLY A 693 -5.36 4.09 48.99
C GLY A 693 -6.56 3.80 48.11
N LEU A 694 -7.38 2.83 48.51
CA LEU A 694 -8.57 2.47 47.74
C LEU A 694 -9.65 3.56 47.83
N GLN A 695 -9.81 4.15 49.02
CA GLN A 695 -10.77 5.24 49.17
C GLN A 695 -10.37 6.46 48.34
N GLU A 696 -9.08 6.86 48.42
CA GLU A 696 -8.58 7.92 47.53
C GLU A 696 -8.71 7.55 46.06
N ARG A 697 -8.28 6.34 45.67
CA ARG A 697 -8.36 5.95 44.26
C ARG A 697 -9.78 5.94 43.73
N LEU A 698 -10.72 5.38 44.51
CA LEU A 698 -12.14 5.39 44.11
C LEU A 698 -12.74 6.81 43.98
N LYS A 699 -12.42 7.66 44.95
CA LYS A 699 -12.88 9.05 44.94
C LYS A 699 -12.28 9.83 43.77
N ASN A 700 -10.96 9.84 43.69
CA ASN A 700 -10.22 10.54 42.63
C ASN A 700 -10.55 10.02 41.25
N ASP A 701 -10.43 8.71 41.03
CA ASP A 701 -10.59 8.17 39.68
C ASP A 701 -12.00 7.70 39.31
N PHE A 702 -12.87 7.48 40.28
CA PHE A 702 -14.21 6.94 39.98
C PHE A 702 -15.37 7.70 40.61
N ASP A 703 -15.08 8.75 41.37
CA ASP A 703 -16.09 9.69 41.84
C ASP A 703 -17.08 8.95 42.75
N LEU A 704 -16.53 8.00 43.52
CA LEU A 704 -17.31 7.03 44.30
C LEU A 704 -16.77 7.02 45.74
N ASP A 705 -17.53 7.62 46.65
CA ASP A 705 -17.08 7.88 48.03
C ASP A 705 -17.75 6.89 48.98
N LEU A 706 -17.04 5.81 49.30
CA LEU A 706 -17.58 4.71 50.09
C LEU A 706 -16.88 4.58 51.47
N PRO A 707 -17.65 4.26 52.55
CA PRO A 707 -17.14 4.24 53.92
C PRO A 707 -16.49 2.89 54.32
N ILE A 708 -15.52 2.48 53.53
CA ILE A 708 -14.95 1.13 53.61
C ILE A 708 -14.31 0.87 54.98
N ALA A 709 -13.56 1.86 55.48
CA ALA A 709 -13.01 1.85 56.84
C ALA A 709 -14.10 1.49 57.85
N GLU A 710 -15.26 2.14 57.69
CA GLU A 710 -16.38 1.95 58.60
C GLU A 710 -17.00 0.57 58.39
N TRP A 711 -17.07 0.13 57.13
CA TRP A 711 -17.54 -1.22 56.80
C TRP A 711 -16.70 -2.31 57.47
N LEU A 712 -15.37 -2.23 57.31
CA LEU A 712 -14.48 -3.23 57.94
C LEU A 712 -14.57 -3.22 59.45
N ASP A 713 -14.42 -2.04 60.06
CA ASP A 713 -14.36 -1.94 61.52
C ASP A 713 -15.70 -2.26 62.22
N LYS A 714 -16.83 -2.15 61.50
CA LYS A 714 -18.15 -2.48 62.07
C LYS A 714 -18.50 -3.99 62.02
N GLU A 715 -18.45 -4.60 60.83
CA GLU A 715 -18.76 -6.04 60.72
C GLU A 715 -17.49 -6.86 60.47
N PRO A 716 -16.97 -7.54 61.52
CA PRO A 716 -16.00 -8.61 61.25
C PRO A 716 -16.57 -9.81 60.45
N GLU A 717 -17.86 -9.77 60.12
CA GLU A 717 -18.50 -10.72 59.18
C GLU A 717 -18.14 -10.51 57.71
N LEU A 718 -17.71 -9.29 57.34
CA LEU A 718 -17.67 -8.86 55.93
C LEU A 718 -17.03 -9.88 54.96
N HIS A 719 -15.71 -9.89 54.83
CA HIS A 719 -14.96 -10.68 53.82
C HIS A 719 -15.01 -10.08 52.40
N GLU A 720 -13.88 -10.22 51.72
CA GLU A 720 -13.61 -9.63 50.38
C GLU A 720 -14.78 -9.65 49.36
N GLU A 721 -15.26 -10.85 49.03
CA GLU A 721 -16.27 -11.06 47.97
C GLU A 721 -17.50 -10.16 48.14
N THR A 722 -18.02 -10.10 49.37
CA THR A 722 -19.14 -9.23 49.69
C THR A 722 -18.80 -7.73 49.58
N LEU A 723 -17.55 -7.36 49.88
CA LEU A 723 -17.10 -5.97 49.72
C LEU A 723 -17.08 -5.60 48.22
N ARG A 724 -16.39 -6.46 47.46
CA ARG A 724 -16.41 -6.36 45.99
C ARG A 724 -17.83 -6.26 45.44
N GLU A 725 -18.74 -7.12 45.92
CA GLU A 725 -20.17 -7.01 45.52
C GLU A 725 -20.83 -5.68 45.95
N ARG A 726 -20.53 -5.21 47.17
CA ARG A 726 -21.01 -3.90 47.63
C ARG A 726 -20.60 -2.81 46.65
N ILE A 727 -19.29 -2.74 46.39
CA ILE A 727 -18.81 -1.63 45.54
C ILE A 727 -19.47 -1.68 44.16
N LEU A 728 -19.42 -2.87 43.55
CA LEU A 728 -20.12 -3.18 42.30
C LEU A 728 -21.56 -2.66 42.35
N ALA A 729 -22.35 -3.16 43.30
CA ALA A 729 -23.75 -2.77 43.48
C ALA A 729 -23.94 -1.24 43.57
N GLN A 730 -23.08 -0.57 44.37
CA GLN A 730 -23.15 0.93 44.45
C GLN A 730 -22.86 1.59 43.09
N SER A 731 -21.80 1.15 42.43
CA SER A 731 -21.48 1.73 41.11
C SER A 731 -22.64 1.52 40.11
N ILE A 732 -23.13 0.27 40.07
CA ILE A 732 -24.28 -0.11 39.23
C ILE A 732 -25.48 0.78 39.55
N GLU A 733 -25.90 0.84 40.81
CA GLU A 733 -27.09 1.62 41.13
C GLU A 733 -26.91 3.13 40.88
N VAL A 734 -25.72 3.67 41.20
CA VAL A 734 -25.44 5.09 40.86
C VAL A 734 -25.51 5.30 39.34
N TYR A 735 -25.01 4.33 38.57
CA TYR A 735 -25.06 4.42 37.11
C TYR A 735 -26.51 4.33 36.55
N GLN A 736 -27.23 3.28 36.97
CA GLN A 736 -28.63 3.07 36.61
C GLN A 736 -29.50 4.26 37.02
N ARG A 737 -29.14 4.90 38.14
CA ARG A 737 -29.72 6.20 38.51
C ARG A 737 -29.50 7.26 37.42
N LYS A 738 -28.26 7.37 36.96
CA LYS A 738 -27.95 8.33 35.91
C LYS A 738 -28.70 7.99 34.60
N GLU A 739 -28.82 6.69 34.31
CA GLU A 739 -29.67 6.24 33.19
C GLU A 739 -31.10 6.70 33.39
N GLU A 740 -31.64 6.48 34.58
CA GLU A 740 -32.99 6.95 34.91
C GLU A 740 -33.12 8.46 34.79
N VAL A 741 -32.04 9.21 35.08
CA VAL A 741 -32.03 10.64 34.73
C VAL A 741 -32.06 10.88 33.21
N VAL A 742 -31.24 10.14 32.45
CA VAL A 742 -31.03 10.46 31.03
C VAL A 742 -31.87 9.67 29.99
N GLY A 743 -32.20 8.41 30.29
CA GLY A 743 -32.89 7.51 29.34
C GLY A 743 -32.00 6.45 28.73
N ALA A 744 -32.59 5.30 28.38
CA ALA A 744 -31.84 4.11 27.95
C ALA A 744 -31.04 4.35 26.65
N GLU A 745 -31.78 4.75 25.61
CA GLU A 745 -31.22 5.07 24.29
C GLU A 745 -29.99 5.97 24.39
N MET A 746 -30.13 7.05 25.15
CA MET A 746 -29.03 7.97 25.36
C MET A 746 -27.83 7.27 26.05
N MET A 747 -28.12 6.39 27.02
CA MET A 747 -27.05 5.64 27.71
C MET A 747 -26.31 4.75 26.74
N ARG A 748 -27.06 3.97 25.97
CA ARG A 748 -26.44 3.10 24.96
C ARG A 748 -25.49 3.89 24.04
N HIS A 749 -25.95 5.05 23.57
CA HIS A 749 -25.19 5.82 22.59
C HIS A 749 -24.02 6.61 23.19
N PHE A 750 -24.21 7.20 24.37
CA PHE A 750 -23.07 7.81 25.05
C PHE A 750 -22.02 6.75 25.40
N GLU A 751 -22.48 5.58 25.84
CA GLU A 751 -21.56 4.46 26.09
C GLU A 751 -20.69 4.15 24.84
N LYS A 752 -21.35 3.95 23.70
CA LYS A 752 -20.66 3.63 22.44
C LYS A 752 -19.62 4.71 22.13
N GLY A 753 -20.09 5.96 22.09
CA GLY A 753 -19.24 7.11 21.85
C GLY A 753 -18.03 7.13 22.74
N VAL A 754 -18.25 6.97 24.06
CA VAL A 754 -17.12 6.93 25.01
C VAL A 754 -16.16 5.76 24.72
N MET A 755 -16.72 4.59 24.44
CA MET A 755 -15.87 3.46 24.05
C MET A 755 -14.99 3.79 22.83
N LEU A 756 -15.62 4.30 21.78
CA LEU A 756 -14.89 4.62 20.55
C LEU A 756 -13.87 5.74 20.71
N GLN A 757 -14.27 6.84 21.37
CA GLN A 757 -13.39 7.98 21.60
C GLN A 757 -12.15 7.55 22.37
N THR A 758 -12.38 6.75 23.41
CA THR A 758 -11.28 6.29 24.24
C THR A 758 -10.39 5.30 23.47
N LEU A 759 -11.03 4.38 22.75
CA LEU A 759 -10.31 3.44 21.86
C LEU A 759 -9.40 4.19 20.89
N ASP A 760 -9.99 5.12 20.15
CA ASP A 760 -9.26 5.97 19.22
C ASP A 760 -8.13 6.72 19.92
N SER A 761 -8.43 7.35 21.07
CA SER A 761 -7.38 8.16 21.73
C SER A 761 -6.21 7.30 22.19
N LEU A 762 -6.51 6.16 22.80
CA LEU A 762 -5.41 5.28 23.20
C LEU A 762 -4.67 4.67 22.02
N TRP A 763 -5.40 4.39 20.94
CA TRP A 763 -4.75 3.93 19.72
C TRP A 763 -3.81 4.97 19.15
N LYS A 764 -4.26 6.22 19.05
CA LYS A 764 -3.40 7.24 18.44
C LYS A 764 -2.15 7.44 19.31
N GLU A 765 -2.35 7.40 20.62
CA GLU A 765 -1.23 7.49 21.56
C GLU A 765 -0.27 6.31 21.38
N HIS A 766 -0.86 5.12 21.27
CA HIS A 766 -0.10 3.90 21.05
C HIS A 766 0.70 3.98 19.75
N LEU A 767 0.10 4.44 18.66
CA LEU A 767 0.79 4.57 17.38
C LEU A 767 2.02 5.42 17.55
N ALA A 768 1.87 6.52 18.30
CA ALA A 768 2.98 7.43 18.57
C ALA A 768 4.06 6.81 19.46
N ALA A 769 3.63 6.09 20.51
CA ALA A 769 4.57 5.34 21.37
C ALA A 769 5.38 4.30 20.60
N MET A 770 4.67 3.57 19.75
CA MET A 770 5.29 2.62 18.83
C MET A 770 6.24 3.32 17.88
N ASP A 771 5.80 4.43 17.32
CA ASP A 771 6.66 5.27 16.49
C ASP A 771 7.95 5.59 17.24
N TYR A 772 7.85 6.19 18.44
CA TYR A 772 9.10 6.53 19.18
C TYR A 772 9.94 5.32 19.56
N LEU A 773 9.27 4.24 19.97
CA LEU A 773 9.95 2.97 20.27
C LEU A 773 10.76 2.48 19.08
N ARG A 774 10.10 2.34 17.93
CA ARG A 774 10.73 1.82 16.73
C ARG A 774 11.87 2.72 16.27
N GLN A 775 11.63 4.04 16.22
CA GLN A 775 12.70 4.96 15.77
C GLN A 775 13.84 5.02 16.78
N GLY A 776 13.53 4.78 18.05
CA GLY A 776 14.55 4.74 19.09
C GLY A 776 15.60 3.65 18.97
N ILE A 777 15.36 2.66 18.09
CA ILE A 777 16.20 1.47 17.99
C ILE A 777 17.52 1.70 17.21
N HIS A 778 18.20 2.80 17.51
CA HIS A 778 19.56 3.05 17.01
C HIS A 778 20.42 3.60 18.15
N LEU A 779 20.12 3.07 19.34
CA LEU A 779 20.70 3.46 20.63
C LEU A 779 20.23 2.55 21.77
N ARG A 780 19.15 1.77 21.59
CA ARG A 780 18.63 0.86 22.62
C ARG A 780 19.19 -0.54 22.48
N GLY A 781 19.07 -1.11 21.28
CA GLY A 781 19.59 -2.45 20.98
C GLY A 781 20.96 -2.36 20.36
N TYR A 782 21.99 -2.58 21.16
CA TYR A 782 23.38 -2.43 20.73
C TYR A 782 24.23 -3.58 21.27
N ALA A 783 24.84 -3.40 22.45
CA ALA A 783 26.06 -4.12 22.84
C ALA A 783 25.72 -5.58 23.02
N GLN A 784 25.99 -6.37 21.98
CA GLN A 784 25.81 -7.82 21.99
C GLN A 784 24.34 -8.29 21.85
N LYS A 785 23.45 -7.98 22.81
CA LYS A 785 22.05 -8.45 22.72
C LYS A 785 21.36 -8.00 21.43
N ASP A 786 20.46 -8.85 20.94
CA ASP A 786 19.79 -8.62 19.67
C ASP A 786 18.67 -7.56 19.81
N PRO A 787 18.60 -6.60 18.86
CA PRO A 787 17.35 -5.86 18.63
C PRO A 787 16.40 -6.70 17.78
N LYS A 788 15.16 -6.26 17.60
CA LYS A 788 14.04 -7.15 17.27
C LYS A 788 13.85 -8.09 18.43
N GLN A 789 12.71 -8.78 18.46
CA GLN A 789 12.48 -9.86 19.43
C GLN A 789 12.16 -9.27 20.79
N GLU A 790 13.09 -8.47 21.33
CA GLU A 790 12.75 -7.60 22.46
C GLU A 790 11.71 -6.57 22.05
N TYR A 791 11.86 -6.10 20.81
CA TYR A 791 10.89 -5.22 20.19
C TYR A 791 9.47 -5.81 20.21
N LYS A 792 9.32 -7.05 19.75
CA LYS A 792 7.99 -7.69 19.72
C LYS A 792 7.41 -7.89 21.12
N ARG A 793 8.30 -8.20 22.08
CA ARG A 793 7.93 -8.29 23.49
C ARG A 793 7.41 -6.95 23.99
N GLU A 794 8.20 -5.88 23.83
CA GLU A 794 7.72 -4.58 24.33
C GLU A 794 6.48 -4.09 23.57
N SER A 795 6.40 -4.37 22.27
CA SER A 795 5.15 -4.12 21.50
C SER A 795 3.93 -4.85 22.08
N PHE A 796 4.06 -6.16 22.29
CA PHE A 796 2.95 -6.93 22.89
C PHE A 796 2.62 -6.42 24.30
N SER A 797 3.64 -6.24 25.12
CA SER A 797 3.47 -5.69 26.48
C SER A 797 2.70 -4.37 26.46
N MET A 798 3.17 -3.46 25.63
CA MET A 798 2.57 -2.14 25.51
C MET A 798 1.14 -2.18 24.96
N PHE A 799 0.92 -3.02 23.95
CA PHE A 799 -0.44 -3.20 23.40
C PHE A 799 -1.38 -3.79 24.46
N ALA A 800 -0.89 -4.77 25.20
CA ALA A 800 -1.64 -5.37 26.30
C ALA A 800 -1.97 -4.30 27.34
N ALA A 801 -0.96 -3.51 27.68
CA ALA A 801 -1.14 -2.40 28.62
C ALA A 801 -2.23 -1.45 28.12
N MET A 802 -2.14 -1.11 26.83
CA MET A 802 -3.15 -0.24 26.21
C MET A 802 -4.59 -0.81 26.30
N LEU A 803 -4.79 -2.12 26.15
CA LEU A 803 -6.15 -2.67 26.23
C LEU A 803 -6.73 -2.62 27.64
N GLU A 804 -5.87 -2.83 28.64
CA GLU A 804 -6.32 -2.81 30.02
C GLU A 804 -6.53 -1.37 30.47
N SER A 805 -5.62 -0.49 30.06
CA SER A 805 -5.88 0.95 30.22
C SER A 805 -7.17 1.40 29.52
N LEU A 806 -7.43 0.84 28.34
CA LEU A 806 -8.70 1.10 27.63
C LEU A 806 -9.90 0.82 28.52
N LYS A 807 -9.91 -0.39 29.09
CA LYS A 807 -11.00 -0.78 29.99
C LYS A 807 -11.08 0.23 31.14
N TYR A 808 -9.95 0.44 31.83
CA TYR A 808 -9.86 1.37 32.99
C TYR A 808 -10.44 2.76 32.67
N GLU A 809 -9.97 3.36 31.57
CA GLU A 809 -10.36 4.74 31.21
C GLU A 809 -11.80 4.88 30.77
N VAL A 810 -12.28 3.89 30.00
CA VAL A 810 -13.72 3.81 29.64
C VAL A 810 -14.62 3.81 30.90
N ILE A 811 -14.36 2.86 31.81
CA ILE A 811 -15.14 2.72 33.06
C ILE A 811 -14.99 3.95 33.98
N SER A 812 -13.75 4.43 34.12
CA SER A 812 -13.51 5.68 34.85
C SER A 812 -14.35 6.81 34.27
N THR A 813 -14.33 6.98 32.93
CA THR A 813 -15.15 8.03 32.30
C THR A 813 -16.64 7.90 32.61
N LEU A 814 -17.20 6.72 32.40
CA LEU A 814 -18.62 6.53 32.72
C LEU A 814 -18.94 6.67 34.22
N SER A 815 -17.98 6.34 35.09
CA SER A 815 -18.17 6.58 36.53
C SER A 815 -18.05 8.06 36.92
N LYS A 816 -17.18 8.82 36.26
CA LYS A 816 -16.98 10.23 36.65
C LYS A 816 -17.92 11.28 36.00
N VAL A 817 -18.66 10.86 34.96
CA VAL A 817 -19.54 11.78 34.21
C VAL A 817 -20.60 12.44 35.11
N GLN A 818 -20.64 13.78 35.09
CA GLN A 818 -21.49 14.56 36.00
C GLN A 818 -22.95 14.72 35.54
N VAL A 819 -23.86 14.23 36.37
CA VAL A 819 -25.32 14.41 36.24
C VAL A 819 -25.83 15.04 37.55
N ARG A 820 -26.69 16.06 37.48
CA ARG A 820 -27.28 16.63 38.70
C ARG A 820 -28.15 15.59 39.42
N MET A 821 -27.66 15.07 40.54
CA MET A 821 -28.36 14.03 41.31
C MET A 821 -29.38 14.67 42.27
N PRO A 822 -30.67 14.28 42.18
CA PRO A 822 -31.65 14.67 43.19
C PRO A 822 -31.22 14.36 44.63
#